data_5VEB
#
_entry.id   5VEB
#
_cell.length_a   78.829
_cell.length_b   88.855
_cell.length_c   186.730
_cell.angle_alpha   90.000
_cell.angle_beta   90.000
_cell.angle_gamma   90.000
#
_symmetry.space_group_name_H-M   'P 21 21 21'
#
loop_
_entity.id
_entity.type
_entity.pdbx_description
1 polymer 'anti-CDH6 Fab heavy chain'
2 polymer 'anti-CDH6 Fab light chain'
3 polymer 'anti-CDH6 Fab heavy chain'
4 polymer Cadherin-6
5 non-polymer 2-acetamido-2-deoxy-alpha-D-galactopyranose
6 water water
#
loop_
_entity_poly.entity_id
_entity_poly.type
_entity_poly.pdbx_seq_one_letter_code
_entity_poly.pdbx_strand_id
1 'polypeptide(L)'
;QVQLLESGGGLVQPGGSLRLSCAASGFTFSSHGMHWVRQAPGKGLEWVSVISGSGSNTGYADSV(SLL)GRFTISRDNSK
NTLYLQMNSLRAEDTAVYYCARQWGSYAFDSWGQGTLVTVSSASTKGPSVFPLAPSSKSTSGGTAALGCLVKDYFPEPVT
VSWNSGALTSGVHTFPAVLQSSGLYSLSSVVTVPSSSLGTQTYICNVNHKPSNTKVDKRVEPKSCDKTH
;
A
2 'polypeptide(L)'
;DIQMTQSPSSLSASVGDRVTITCRASQSISSYLNWYQQKPGKAPKLLIYAVSTLQSGVPSRFSGSGSGTDFTLTISSLQP
EDFATYYCQQSGTFPPTTFGQGTKVEIKRTVAAPSVFIFPPSDEQLKSGTASVVCLLNNFYPREAKVQWKVDNALQSGNS
QESVTEQDSKDSTYSLSSTLTLSKADYEKHKVYACEVTHQGLSSPVTKSFNRGEC
;
B,L
3 'polypeptide(L)'
;QVQLLESGGGLVQPGGSLRLSCAASGFTFSSHGMHWVRQAPGKGLEWVSVISGSGSNTGYADSVKGRFTISRDNSKNTLY
LQMNSLRAEDTAVYYCARQWGSYAFDSWGQGTLVTVSSASTKGPSVFPLAPSSKSTSGGTAALGCLVKDYFPEPVTVSWN
SGALTSGVHTFPAVLQSSGLYSLSSVVTVPSSSLGTQTYICNVNHKPSNTKVDKRVEPKSCDKTH
;
H
4 'polypeptide(L)'
;EFYETFVCEKAKADQLIQTLHAVDKDDPYSGHQFSFSLAPEAASGSNFTIQDNKDNTAGILTRKNGYNRHEMSTYLLPVV
ISDNDYPVQSSTGTVTVRVCACDHHGNMQSCHAEALIHPLEVLFQ
;
X,Y
#
# COMPACT_ATOMS: atom_id res chain seq x y z
N GLN A 1 -3.97 -8.86 -8.99
CA GLN A 1 -4.62 -9.18 -10.27
C GLN A 1 -3.71 -10.04 -11.17
N VAL A 2 -3.23 -9.50 -12.30
CA VAL A 2 -2.31 -10.16 -13.26
C VAL A 2 -1.08 -10.64 -12.52
N GLN A 3 -0.87 -11.95 -12.52
CA GLN A 3 0.28 -12.56 -11.88
C GLN A 3 0.94 -13.60 -12.79
N LEU A 4 2.28 -13.66 -12.74
CA LEU A 4 3.14 -14.59 -13.48
C LEU A 4 4.14 -15.18 -12.48
N LEU A 5 3.96 -16.46 -12.13
CA LEU A 5 4.79 -17.12 -11.15
C LEU A 5 5.67 -18.15 -11.82
N GLU A 6 6.98 -17.95 -11.74
CA GLU A 6 7.99 -18.81 -12.34
C GLU A 6 8.60 -19.83 -11.41
N SER A 7 9.07 -20.93 -12.01
CA SER A 7 9.78 -22.04 -11.37
C SER A 7 10.58 -22.83 -12.39
N GLY A 8 11.54 -23.59 -11.90
CA GLY A 8 12.35 -24.48 -12.72
C GLY A 8 13.81 -24.17 -12.90
N GLY A 9 14.27 -23.01 -12.41
CA GLY A 9 15.66 -22.60 -12.57
C GLY A 9 16.63 -23.44 -11.77
N GLY A 10 17.91 -23.23 -11.98
CA GLY A 10 18.93 -23.96 -11.24
C GLY A 10 20.18 -24.29 -12.00
N LEU A 11 21.03 -25.13 -11.39
CA LEU A 11 22.28 -25.62 -11.95
C LEU A 11 21.99 -26.72 -12.96
N VAL A 12 22.67 -26.66 -14.09
CA VAL A 12 22.61 -27.66 -15.15
C VAL A 12 23.97 -27.66 -15.83
N GLN A 13 24.45 -28.85 -16.22
CA GLN A 13 25.76 -29.01 -16.83
C GLN A 13 25.73 -28.61 -18.29
N PRO A 14 26.87 -28.16 -18.88
CA PRO A 14 26.88 -27.89 -20.33
C PRO A 14 26.48 -29.15 -21.11
N GLY A 15 25.57 -28.97 -22.07
CA GLY A 15 24.99 -30.04 -22.89
C GLY A 15 23.69 -30.52 -22.30
N GLY A 16 23.38 -30.01 -21.11
CA GLY A 16 22.19 -30.39 -20.37
C GLY A 16 20.90 -29.79 -20.88
N SER A 17 19.83 -30.19 -20.20
CA SER A 17 18.46 -29.85 -20.46
C SER A 17 17.81 -29.33 -19.19
N LEU A 18 16.83 -28.42 -19.31
CA LEU A 18 16.10 -27.85 -18.17
C LEU A 18 14.73 -27.35 -18.61
N ARG A 19 13.72 -27.48 -17.76
CA ARG A 19 12.40 -26.98 -18.10
C ARG A 19 11.93 -25.91 -17.11
N LEU A 20 11.51 -24.75 -17.64
CA LEU A 20 10.99 -23.63 -16.85
C LEU A 20 9.53 -23.57 -17.01
N SER A 21 8.83 -23.07 -16.00
CA SER A 21 7.38 -22.98 -16.03
C SER A 21 7.00 -21.57 -15.61
N CYS A 22 5.82 -21.12 -16.01
CA CYS A 22 5.31 -19.81 -15.67
C CYS A 22 3.81 -19.97 -15.49
N ALA A 23 3.35 -19.99 -14.23
CA ALA A 23 1.93 -20.12 -13.93
C ALA A 23 1.28 -18.74 -13.97
N ALA A 24 0.28 -18.57 -14.82
CA ALA A 24 -0.44 -17.32 -14.97
C ALA A 24 -1.80 -17.30 -14.27
N SER A 25 -2.23 -16.11 -13.81
CA SER A 25 -3.54 -15.85 -13.17
C SER A 25 -3.88 -14.39 -13.26
N GLY A 26 -5.17 -14.08 -13.16
CA GLY A 26 -5.66 -12.70 -13.13
C GLY A 26 -6.03 -12.10 -14.45
N PHE A 27 -5.96 -12.89 -15.54
CA PHE A 27 -6.30 -12.43 -16.89
C PHE A 27 -6.63 -13.63 -17.76
N THR A 28 -7.23 -13.36 -18.94
CA THR A 28 -7.53 -14.43 -19.89
C THR A 28 -6.21 -14.83 -20.58
N PHE A 29 -5.60 -15.90 -20.09
CA PHE A 29 -4.32 -16.44 -20.55
C PHE A 29 -4.23 -16.64 -22.06
N SER A 30 -5.23 -17.36 -22.64
CA SER A 30 -5.30 -17.67 -24.08
C SER A 30 -5.41 -16.43 -25.01
N SER A 31 -5.73 -15.27 -24.45
CA SER A 31 -5.87 -14.04 -25.23
C SER A 31 -4.51 -13.33 -25.51
N HIS A 32 -3.43 -13.80 -24.84
CA HIS A 32 -2.11 -13.19 -24.94
C HIS A 32 -1.03 -14.02 -25.55
N GLY A 33 -0.19 -13.35 -26.34
CA GLY A 33 1.10 -13.87 -26.80
C GLY A 33 1.93 -13.92 -25.53
N MET A 34 2.74 -14.94 -25.36
CA MET A 34 3.53 -15.09 -24.12
C MET A 34 4.94 -15.24 -24.56
N HIS A 35 5.89 -14.69 -23.80
CA HIS A 35 7.29 -14.64 -24.18
C HIS A 35 8.24 -14.99 -23.09
N TRP A 36 9.51 -15.29 -23.49
CA TRP A 36 10.66 -15.52 -22.60
C TRP A 36 11.70 -14.49 -22.93
N VAL A 37 12.15 -13.77 -21.92
CA VAL A 37 13.15 -12.71 -22.06
C VAL A 37 14.19 -13.02 -21.01
N ARG A 38 15.48 -13.03 -21.34
CA ARG A 38 16.52 -13.32 -20.34
C ARG A 38 17.50 -12.15 -20.12
N GLN A 39 18.17 -12.17 -18.95
CA GLN A 39 19.10 -11.15 -18.54
C GLN A 39 20.28 -11.83 -17.88
N ALA A 40 21.43 -11.85 -18.54
CA ALA A 40 22.64 -12.44 -17.99
C ALA A 40 23.10 -11.56 -16.81
N PRO A 41 23.70 -12.16 -15.73
CA PRO A 41 24.11 -11.33 -14.57
C PRO A 41 24.93 -10.07 -14.91
N GLY A 42 24.42 -8.93 -14.45
CA GLY A 42 25.02 -7.62 -14.69
C GLY A 42 24.89 -7.11 -16.12
N LYS A 43 24.10 -7.81 -16.98
CA LYS A 43 23.93 -7.42 -18.39
C LYS A 43 22.49 -6.99 -18.71
N GLY A 44 22.22 -6.72 -20.00
CA GLY A 44 20.95 -6.23 -20.51
C GLY A 44 19.88 -7.28 -20.81
N LEU A 45 18.79 -6.86 -21.49
CA LEU A 45 17.70 -7.75 -21.81
C LEU A 45 17.81 -8.37 -23.18
N GLU A 46 17.62 -9.69 -23.24
CA GLU A 46 17.65 -10.46 -24.47
C GLU A 46 16.35 -11.23 -24.64
N TRP A 47 15.57 -10.89 -25.66
CA TRP A 47 14.35 -11.62 -26.03
C TRP A 47 14.74 -13.01 -26.56
N VAL A 48 14.05 -14.06 -26.05
CA VAL A 48 14.32 -15.47 -26.35
C VAL A 48 13.29 -16.15 -27.28
N SER A 49 11.99 -16.11 -26.91
CA SER A 49 10.96 -16.87 -27.62
C SER A 49 9.59 -16.27 -27.43
N VAL A 50 8.70 -16.51 -28.39
CA VAL A 50 7.28 -16.10 -28.37
C VAL A 50 6.36 -17.32 -28.67
N ILE A 51 5.13 -17.30 -28.18
CA ILE A 51 4.08 -18.28 -28.50
C ILE A 51 2.72 -17.55 -28.53
N SER A 52 1.92 -17.75 -29.58
CA SER A 52 0.59 -17.14 -29.69
C SER A 52 -0.35 -17.66 -28.60
N GLY A 53 -1.46 -16.97 -28.40
CA GLY A 53 -2.53 -17.32 -27.47
C GLY A 53 -2.96 -18.77 -27.60
N SER A 54 -3.24 -19.20 -28.84
CA SER A 54 -3.63 -20.60 -29.20
C SER A 54 -2.55 -21.67 -28.90
N GLY A 55 -1.28 -21.26 -28.94
CA GLY A 55 -0.14 -22.15 -28.76
C GLY A 55 0.37 -22.72 -30.06
N SER A 56 -0.22 -22.30 -31.19
CA SER A 56 0.12 -22.78 -32.53
C SER A 56 1.25 -22.07 -33.18
N ASN A 57 1.40 -20.79 -32.90
CA ASN A 57 2.40 -20.00 -33.57
C ASN A 57 3.56 -19.69 -32.58
N THR A 58 4.78 -20.06 -32.93
CA THR A 58 5.98 -19.88 -32.08
C THR A 58 7.12 -19.13 -32.82
N GLY A 59 8.04 -18.56 -32.06
CA GLY A 59 9.18 -17.82 -32.58
C GLY A 59 10.35 -17.89 -31.63
N TYR A 60 11.56 -17.75 -32.15
CA TYR A 60 12.80 -17.90 -31.42
C TYR A 60 13.79 -16.86 -31.84
N ALA A 61 14.68 -16.46 -30.91
CA ALA A 61 15.84 -15.63 -31.22
C ALA A 61 16.84 -16.58 -31.91
N ASP A 62 17.72 -16.07 -32.77
CA ASP A 62 18.72 -16.92 -33.44
C ASP A 62 19.66 -17.67 -32.46
N SER A 63 19.92 -17.07 -31.31
CA SER A 63 20.79 -17.61 -30.26
C SER A 63 20.30 -18.89 -29.60
N VAL A 64 18.99 -19.18 -29.69
CA VAL A 64 18.37 -20.34 -29.03
C VAL A 64 17.67 -21.30 -30.02
N GLY A 66 16.57 -24.03 -32.56
CA GLY A 66 16.97 -25.43 -32.68
C GLY A 66 17.38 -26.06 -31.35
N ARG A 67 17.60 -25.26 -30.30
CA ARG A 67 17.96 -25.84 -29.01
C ARG A 67 16.80 -25.74 -28.02
N PHE A 68 16.07 -24.63 -28.05
CA PHE A 68 14.96 -24.41 -27.12
C PHE A 68 13.63 -24.61 -27.79
N THR A 69 12.62 -24.92 -26.99
CA THR A 69 11.24 -25.08 -27.42
C THR A 69 10.33 -24.40 -26.41
N ILE A 70 9.45 -23.56 -26.92
CA ILE A 70 8.44 -22.85 -26.12
C ILE A 70 7.10 -23.59 -26.29
N SER A 71 6.37 -23.75 -25.21
CA SER A 71 5.05 -24.36 -25.26
C SER A 71 4.17 -23.76 -24.17
N ARG A 72 2.87 -23.99 -24.26
CA ARG A 72 1.90 -23.54 -23.29
C ARG A 72 0.81 -24.60 -23.08
N ASP A 73 0.23 -24.64 -21.86
CA ASP A 73 -0.91 -25.50 -21.50
C ASP A 73 -1.98 -24.54 -21.05
N ASN A 74 -2.90 -24.20 -21.94
CA ASN A 74 -3.94 -23.24 -21.64
C ASN A 74 -4.95 -23.71 -20.60
N SER A 75 -5.14 -25.04 -20.47
CA SER A 75 -6.06 -25.65 -19.49
C SER A 75 -5.52 -25.42 -18.05
N LYS A 76 -4.17 -25.46 -17.90
CA LYS A 76 -3.40 -25.23 -16.67
C LYS A 76 -2.88 -23.78 -16.56
N ASN A 77 -3.15 -22.91 -17.55
CA ASN A 77 -2.65 -21.52 -17.61
C ASN A 77 -1.14 -21.41 -17.38
N THR A 78 -0.36 -22.34 -17.98
CA THR A 78 1.07 -22.45 -17.78
C THR A 78 1.87 -22.35 -19.06
N LEU A 79 2.95 -21.57 -18.99
CA LEU A 79 3.89 -21.38 -20.08
C LEU A 79 5.10 -22.20 -19.78
N TYR A 80 5.71 -22.80 -20.80
CA TYR A 80 6.93 -23.57 -20.57
C TYR A 80 8.03 -23.13 -21.48
N LEU A 81 9.27 -23.36 -21.03
CA LEU A 81 10.44 -23.19 -21.86
C LEU A 81 11.32 -24.40 -21.68
N GLN A 82 11.35 -25.28 -22.70
CA GLN A 82 12.21 -26.46 -22.69
C GLN A 82 13.57 -26.08 -23.27
N MET A 83 14.60 -26.06 -22.45
CA MET A 83 15.95 -25.70 -22.88
C MET A 83 16.74 -26.99 -23.00
N ASN A 84 17.58 -27.11 -24.02
CA ASN A 84 18.41 -28.28 -24.34
C ASN A 84 19.70 -27.75 -24.90
N SER A 85 20.75 -28.61 -24.97
CA SER A 85 22.11 -28.27 -25.46
C SER A 85 22.61 -26.97 -24.83
N LEU A 86 22.38 -26.83 -23.53
CA LEU A 86 22.73 -25.64 -22.76
C LEU A 86 24.21 -25.39 -22.75
N ARG A 87 24.56 -24.12 -22.94
CA ARG A 87 25.92 -23.58 -23.05
C ARG A 87 26.16 -22.61 -21.91
N ALA A 88 27.43 -22.30 -21.65
CA ALA A 88 27.82 -21.36 -20.60
C ALA A 88 27.07 -20.01 -20.79
N GLU A 89 27.05 -19.48 -22.05
CA GLU A 89 26.41 -18.22 -22.46
C GLU A 89 24.87 -18.18 -22.29
N ASP A 90 24.23 -19.29 -21.92
CA ASP A 90 22.81 -19.35 -21.62
C ASP A 90 22.52 -18.99 -20.18
N THR A 91 23.57 -18.88 -19.31
CA THR A 91 23.43 -18.52 -17.89
C THR A 91 22.82 -17.11 -17.79
N ALA A 92 21.60 -17.02 -17.21
CA ALA A 92 20.86 -15.78 -17.10
C ALA A 92 19.70 -15.94 -16.16
N VAL A 93 19.01 -14.83 -15.88
CA VAL A 93 17.74 -14.81 -15.15
C VAL A 93 16.75 -14.86 -16.31
N TYR A 94 15.82 -15.81 -16.28
CA TYR A 94 14.81 -15.98 -17.33
C TYR A 94 13.52 -15.51 -16.84
N TYR A 95 12.89 -14.62 -17.60
CA TYR A 95 11.59 -14.08 -17.24
C TYR A 95 10.58 -14.52 -18.25
N CYS A 96 9.38 -14.89 -17.81
CA CYS A 96 8.27 -15.03 -18.70
C CYS A 96 7.61 -13.65 -18.71
N ALA A 97 7.01 -13.27 -19.84
CA ALA A 97 6.39 -11.97 -19.95
C ALA A 97 5.14 -12.02 -20.83
N ARG A 98 4.10 -11.28 -20.42
CA ARG A 98 2.84 -11.16 -21.14
C ARG A 98 2.98 -10.04 -22.20
N GLN A 99 2.55 -10.35 -23.42
CA GLN A 99 2.58 -9.39 -24.53
C GLN A 99 1.50 -8.34 -24.36
N TRP A 100 1.88 -7.09 -24.68
CA TRP A 100 1.02 -5.90 -24.69
C TRP A 100 1.22 -5.26 -26.03
N GLY A 101 0.16 -5.23 -26.80
CA GLY A 101 0.18 -4.67 -28.16
C GLY A 101 1.18 -5.36 -29.05
N SER A 102 1.91 -4.54 -29.80
CA SER A 102 2.96 -4.96 -30.72
C SER A 102 4.26 -5.32 -29.99
N TYR A 103 4.24 -6.46 -29.28
CA TYR A 103 5.37 -7.09 -28.63
C TYR A 103 6.14 -6.22 -27.60
N ALA A 104 5.41 -5.34 -26.86
CA ALA A 104 5.91 -4.65 -25.66
C ALA A 104 5.56 -5.68 -24.52
N PHE A 105 6.15 -5.54 -23.33
CA PHE A 105 5.91 -6.49 -22.25
C PHE A 105 5.41 -5.80 -21.00
N ASP A 106 4.12 -6.02 -20.68
CA ASP A 106 3.50 -5.29 -19.57
C ASP A 106 3.50 -6.01 -18.22
N SER A 107 3.62 -7.34 -18.18
CA SER A 107 3.68 -8.07 -16.90
C SER A 107 4.77 -9.09 -17.07
N TRP A 108 5.59 -9.24 -16.05
CA TRP A 108 6.75 -10.10 -16.04
C TRP A 108 6.70 -10.95 -14.80
N GLY A 109 7.39 -12.08 -14.83
CA GLY A 109 7.54 -12.92 -13.66
C GLY A 109 8.64 -12.33 -12.80
N GLN A 110 8.87 -12.91 -11.61
CA GLN A 110 9.94 -12.51 -10.67
C GLN A 110 11.31 -12.86 -11.21
N GLY A 111 11.35 -13.82 -12.12
CA GLY A 111 12.57 -14.36 -12.72
C GLY A 111 13.04 -15.63 -12.06
N THR A 112 13.82 -16.44 -12.79
CA THR A 112 14.41 -17.67 -12.28
C THR A 112 15.83 -17.76 -12.84
N LEU A 113 16.84 -17.97 -11.98
CA LEU A 113 18.22 -18.04 -12.44
C LEU A 113 18.55 -19.42 -12.95
N VAL A 114 19.22 -19.48 -14.10
CA VAL A 114 19.67 -20.70 -14.73
C VAL A 114 21.17 -20.59 -14.85
N THR A 115 21.90 -21.50 -14.19
CA THR A 115 23.35 -21.54 -14.22
C THR A 115 23.79 -22.77 -14.96
N VAL A 116 24.51 -22.55 -16.04
CA VAL A 116 25.05 -23.61 -16.86
C VAL A 116 26.53 -23.72 -16.48
N SER A 117 26.87 -24.81 -15.75
CA SER A 117 28.22 -25.06 -15.22
C SER A 117 28.51 -26.56 -15.00
N SER A 118 29.77 -26.94 -15.17
CA SER A 118 30.20 -28.32 -14.88
C SER A 118 30.55 -28.51 -13.38
N ALA A 119 30.72 -27.38 -12.63
CA ALA A 119 31.00 -27.42 -11.18
C ALA A 119 29.82 -27.97 -10.38
N SER A 120 30.11 -28.56 -9.21
CA SER A 120 29.10 -29.19 -8.33
C SER A 120 28.42 -28.22 -7.37
N THR A 121 27.22 -28.61 -6.92
CA THR A 121 26.43 -27.90 -5.95
C THR A 121 27.13 -27.98 -4.58
N LYS A 122 27.36 -26.82 -3.96
CA LYS A 122 27.90 -26.74 -2.61
C LYS A 122 27.00 -25.87 -1.72
N GLY A 123 26.61 -26.42 -0.58
CA GLY A 123 25.82 -25.71 0.41
C GLY A 123 26.68 -24.70 1.15
N PRO A 124 26.10 -23.64 1.72
CA PRO A 124 26.93 -22.66 2.42
C PRO A 124 27.18 -22.99 3.89
N SER A 125 28.26 -22.42 4.42
CA SER A 125 28.60 -22.44 5.84
C SER A 125 28.07 -21.06 6.34
N VAL A 126 27.24 -21.04 7.41
CA VAL A 126 26.65 -19.80 7.94
C VAL A 126 27.25 -19.45 9.32
N PHE A 127 28.01 -18.35 9.36
CA PHE A 127 28.70 -17.84 10.55
C PHE A 127 28.12 -16.51 11.04
N PRO A 128 28.06 -16.28 12.37
CA PRO A 128 27.54 -15.00 12.85
C PRO A 128 28.56 -13.85 12.80
N LEU A 129 28.04 -12.62 12.65
CA LEU A 129 28.80 -11.37 12.69
C LEU A 129 28.22 -10.73 13.94
N ALA A 130 28.82 -11.09 15.08
CA ALA A 130 28.36 -10.69 16.40
C ALA A 130 28.56 -9.23 16.74
N PRO A 131 27.54 -8.61 17.38
CA PRO A 131 27.71 -7.21 17.80
C PRO A 131 28.54 -7.14 19.09
N SER A 132 29.70 -6.48 19.04
CA SER A 132 30.59 -6.38 20.22
C SER A 132 30.21 -5.20 21.15
N SER A 133 30.95 -5.03 22.27
CA SER A 133 30.79 -3.94 23.24
C SER A 133 31.35 -2.63 22.64
N LYS A 134 32.28 -2.79 21.66
CA LYS A 134 32.93 -1.72 20.89
C LYS A 134 32.07 -1.36 19.65
N SER A 135 31.40 -2.38 19.02
CA SER A 135 30.50 -2.24 17.86
C SER A 135 29.23 -1.41 18.20
N THR A 136 28.95 -1.23 19.51
CA THR A 136 27.83 -0.42 20.03
C THR A 136 28.31 1.05 20.03
N SER A 137 28.48 1.61 18.82
CA SER A 137 28.92 3.00 18.57
C SER A 137 27.75 3.95 18.86
N GLY A 138 27.60 4.26 20.16
CA GLY A 138 26.54 5.10 20.69
C GLY A 138 25.32 4.30 21.11
N GLY A 139 24.27 4.43 20.31
CA GLY A 139 23.00 3.73 20.54
C GLY A 139 22.60 2.80 19.42
N THR A 140 23.40 2.78 18.34
CA THR A 140 23.17 1.94 17.16
C THR A 140 24.27 0.88 17.02
N ALA A 141 23.87 -0.40 17.02
CA ALA A 141 24.79 -1.54 16.87
C ALA A 141 24.54 -2.28 15.55
N ALA A 142 25.58 -2.94 15.02
CA ALA A 142 25.43 -3.73 13.81
C ALA A 142 25.76 -5.19 14.09
N LEU A 143 24.97 -6.08 13.48
CA LEU A 143 25.14 -7.52 13.56
C LEU A 143 24.81 -8.14 12.20
N GLY A 144 25.27 -9.36 11.97
CA GLY A 144 24.99 -10.02 10.71
C GLY A 144 25.29 -11.50 10.62
N CYS A 145 25.26 -12.00 9.37
CA CYS A 145 25.54 -13.37 9.00
C CYS A 145 26.42 -13.42 7.78
N LEU A 146 27.42 -14.31 7.81
CA LEU A 146 28.33 -14.55 6.69
C LEU A 146 27.96 -15.91 6.10
N VAL A 147 27.50 -15.88 4.85
CA VAL A 147 27.04 -17.04 4.08
C VAL A 147 28.20 -17.35 3.14
N LYS A 148 29.06 -18.28 3.55
CA LYS A 148 30.31 -18.59 2.87
C LYS A 148 30.37 -19.95 2.17
N ASP A 149 31.11 -19.96 1.05
CA ASP A 149 31.50 -21.09 0.21
C ASP A 149 30.33 -21.91 -0.35
N TYR A 150 29.49 -21.25 -1.19
CA TYR A 150 28.37 -21.92 -1.82
C TYR A 150 28.45 -21.86 -3.33
N PHE A 151 27.75 -22.79 -3.98
CA PHE A 151 27.62 -22.86 -5.43
C PHE A 151 26.37 -23.66 -5.83
N PRO A 152 25.56 -23.16 -6.76
CA PRO A 152 25.67 -21.88 -7.47
C PRO A 152 24.86 -20.79 -6.78
N GLU A 153 24.73 -19.63 -7.43
CA GLU A 153 23.83 -18.59 -6.95
C GLU A 153 22.39 -19.14 -7.20
N PRO A 154 21.34 -18.75 -6.45
CA PRO A 154 21.30 -17.71 -5.40
C PRO A 154 21.04 -18.26 -4.00
N VAL A 155 21.18 -17.38 -3.01
CA VAL A 155 20.82 -17.63 -1.64
C VAL A 155 19.85 -16.52 -1.27
N THR A 156 18.96 -16.80 -0.34
CA THR A 156 18.02 -15.82 0.21
C THR A 156 18.31 -15.71 1.70
N VAL A 157 18.27 -14.47 2.21
CA VAL A 157 18.48 -14.18 3.62
C VAL A 157 17.35 -13.27 4.09
N SER A 158 16.68 -13.70 5.15
CA SER A 158 15.65 -12.93 5.85
C SER A 158 16.08 -12.87 7.31
N TRP A 159 15.53 -11.92 8.06
CA TRP A 159 15.84 -11.78 9.48
C TRP A 159 14.55 -11.95 10.25
N ASN A 160 14.58 -12.87 11.24
CA ASN A 160 13.48 -13.20 12.14
C ASN A 160 12.22 -13.61 11.36
N SER A 161 12.43 -14.42 10.30
CA SER A 161 11.42 -14.98 9.39
C SER A 161 10.56 -13.88 8.69
N GLY A 162 11.19 -12.76 8.38
CA GLY A 162 10.54 -11.64 7.70
C GLY A 162 10.04 -10.51 8.58
N ALA A 163 10.08 -10.70 9.91
CA ALA A 163 9.62 -9.72 10.89
C ALA A 163 10.53 -8.49 10.91
N LEU A 164 11.84 -8.71 10.69
CA LEU A 164 12.84 -7.65 10.68
C LEU A 164 13.25 -7.31 9.23
N THR A 165 12.88 -6.09 8.77
CA THR A 165 13.15 -5.61 7.42
C THR A 165 13.92 -4.29 7.38
N SER A 166 13.66 -3.38 8.32
CA SER A 166 14.34 -2.09 8.37
C SER A 166 15.77 -2.23 8.85
N GLY A 167 16.68 -1.49 8.24
CA GLY A 167 18.11 -1.52 8.53
C GLY A 167 18.88 -2.68 7.93
N VAL A 168 18.19 -3.62 7.24
CA VAL A 168 18.78 -4.82 6.60
C VAL A 168 19.48 -4.48 5.28
N HIS A 169 20.68 -5.04 5.10
CA HIS A 169 21.48 -4.95 3.88
C HIS A 169 22.06 -6.32 3.57
N THR A 170 21.49 -6.99 2.55
CA THR A 170 21.97 -8.27 2.03
C THR A 170 22.79 -7.90 0.81
N PHE A 171 24.11 -8.02 0.96
CA PHE A 171 25.09 -7.68 -0.04
C PHE A 171 25.14 -8.63 -1.24
N PRO A 172 25.47 -8.09 -2.45
CA PRO A 172 25.64 -8.99 -3.61
C PRO A 172 26.78 -10.01 -3.35
N ALA A 173 26.59 -11.27 -3.76
CA ALA A 173 27.61 -12.31 -3.54
C ALA A 173 28.90 -11.99 -4.28
N VAL A 174 30.01 -12.40 -3.69
CA VAL A 174 31.30 -12.22 -4.34
C VAL A 174 31.84 -13.60 -4.73
N LEU A 175 32.35 -13.73 -5.97
CA LEU A 175 32.92 -14.99 -6.41
C LEU A 175 34.37 -15.02 -5.92
N GLN A 176 34.69 -16.03 -5.08
CA GLN A 176 36.04 -16.22 -4.52
C GLN A 176 36.90 -16.97 -5.55
N SER A 177 38.24 -16.97 -5.37
CA SER A 177 39.19 -17.64 -6.29
C SER A 177 39.00 -19.17 -6.34
N SER A 178 38.31 -19.74 -5.33
CA SER A 178 37.94 -21.15 -5.21
C SER A 178 36.72 -21.53 -6.10
N GLY A 179 36.17 -20.54 -6.82
CA GLY A 179 35.00 -20.72 -7.66
C GLY A 179 33.72 -20.81 -6.85
N LEU A 180 33.81 -20.53 -5.53
CA LEU A 180 32.69 -20.54 -4.59
C LEU A 180 32.27 -19.12 -4.20
N TYR A 181 30.97 -18.93 -3.95
CA TYR A 181 30.39 -17.62 -3.59
C TYR A 181 30.34 -17.36 -2.11
N SER A 182 30.40 -16.08 -1.75
CA SER A 182 30.31 -15.62 -0.38
C SER A 182 29.58 -14.26 -0.30
N LEU A 183 28.57 -14.19 0.56
CA LEU A 183 27.87 -12.95 0.83
C LEU A 183 27.67 -12.74 2.31
N SER A 184 27.39 -11.50 2.68
CA SER A 184 27.07 -11.14 4.03
C SER A 184 25.74 -10.39 4.06
N SER A 185 24.97 -10.60 5.13
CA SER A 185 23.73 -9.92 5.38
C SER A 185 23.88 -9.30 6.75
N VAL A 186 23.66 -7.99 6.84
CA VAL A 186 23.79 -7.23 8.08
C VAL A 186 22.51 -6.48 8.40
N VAL A 187 22.34 -6.10 9.66
CA VAL A 187 21.23 -5.28 10.13
C VAL A 187 21.72 -4.35 11.26
N THR A 188 21.40 -3.06 11.16
CA THR A 188 21.70 -2.12 12.24
C THR A 188 20.44 -2.06 13.13
N VAL A 189 20.61 -2.36 14.41
CA VAL A 189 19.54 -2.35 15.43
C VAL A 189 19.97 -1.46 16.61
N PRO A 190 19.05 -1.03 17.49
CA PRO A 190 19.47 -0.22 18.64
C PRO A 190 20.20 -1.10 19.65
N SER A 191 21.34 -0.61 20.18
CA SER A 191 22.17 -1.30 21.17
C SER A 191 21.28 -1.73 22.35
N SER A 192 20.31 -0.85 22.70
CA SER A 192 19.32 -1.00 23.77
C SER A 192 18.32 -2.15 23.54
N SER A 193 18.39 -2.84 22.39
CA SER A 193 17.51 -3.98 22.09
C SER A 193 18.26 -5.32 22.10
N LEU A 194 19.60 -5.29 22.25
CA LEU A 194 20.40 -6.51 22.25
C LEU A 194 20.10 -7.46 23.42
N GLY A 195 19.73 -6.90 24.58
CA GLY A 195 19.38 -7.68 25.76
C GLY A 195 17.97 -8.25 25.73
N THR A 196 17.06 -7.57 25.01
CA THR A 196 15.63 -7.90 24.90
C THR A 196 15.21 -8.68 23.66
N GLN A 197 15.80 -8.34 22.49
CA GLN A 197 15.45 -8.96 21.22
C GLN A 197 16.42 -10.00 20.70
N THR A 198 15.85 -11.11 20.22
CA THR A 198 16.51 -12.25 19.60
C THR A 198 16.71 -11.96 18.10
N TYR A 199 17.92 -12.23 17.58
CA TYR A 199 18.22 -12.00 16.17
C TYR A 199 18.65 -13.27 15.47
N ILE A 200 17.85 -13.71 14.48
CA ILE A 200 18.11 -14.94 13.72
C ILE A 200 18.05 -14.65 12.22
N CYS A 201 19.11 -15.05 11.49
CA CYS A 201 19.14 -14.91 10.03
C CYS A 201 18.71 -16.22 9.41
N ASN A 202 17.68 -16.17 8.57
CA ASN A 202 17.15 -17.35 7.91
C ASN A 202 17.75 -17.43 6.53
N VAL A 203 18.75 -18.30 6.39
CA VAL A 203 19.50 -18.54 5.16
C VAL A 203 18.90 -19.76 4.42
N ASN A 204 18.63 -19.61 3.12
CA ASN A 204 18.10 -20.68 2.30
C ASN A 204 18.85 -20.74 0.96
N HIS A 205 19.48 -21.89 0.69
CA HIS A 205 20.18 -22.17 -0.56
C HIS A 205 19.45 -23.37 -1.18
N LYS A 206 18.40 -23.07 -1.97
CA LYS A 206 17.54 -24.05 -2.64
C LYS A 206 18.29 -25.05 -3.58
N PRO A 207 19.38 -24.68 -4.32
CA PRO A 207 20.06 -25.71 -5.16
C PRO A 207 20.56 -26.93 -4.40
N SER A 208 21.03 -26.75 -3.15
CA SER A 208 21.56 -27.80 -2.27
C SER A 208 20.57 -28.23 -1.16
N ASN A 209 19.37 -27.60 -1.13
CA ASN A 209 18.30 -27.79 -0.14
C ASN A 209 18.76 -27.42 1.30
N THR A 210 19.71 -26.45 1.41
CA THR A 210 20.23 -25.97 2.69
C THR A 210 19.31 -24.88 3.27
N LYS A 211 18.77 -25.12 4.48
CA LYS A 211 17.91 -24.18 5.20
C LYS A 211 18.51 -24.02 6.61
N VAL A 212 19.22 -22.89 6.86
CA VAL A 212 19.91 -22.61 8.12
C VAL A 212 19.29 -21.40 8.85
N ASP A 213 18.99 -21.55 10.16
CA ASP A 213 18.49 -20.47 11.00
C ASP A 213 19.56 -20.18 12.05
N LYS A 214 20.46 -19.21 11.77
CA LYS A 214 21.55 -18.89 12.71
C LYS A 214 21.18 -17.77 13.68
N ARG A 215 21.33 -18.06 14.98
CA ARG A 215 21.06 -17.10 16.05
C ARG A 215 22.32 -16.24 16.22
N VAL A 216 22.17 -14.91 16.12
CA VAL A 216 23.27 -13.95 16.23
C VAL A 216 23.14 -13.29 17.59
N GLU A 217 24.07 -13.66 18.49
CA GLU A 217 24.13 -13.22 19.88
C GLU A 217 25.37 -12.35 20.12
N PRO A 218 25.32 -11.37 21.06
CA PRO A 218 26.55 -10.62 21.38
C PRO A 218 27.49 -11.58 22.12
N LYS A 219 28.78 -11.62 21.71
CA LYS A 219 29.77 -12.54 22.28
C LYS A 219 30.09 -12.24 23.76
N SER A 220 30.12 -13.31 24.58
CA SER A 220 30.46 -13.26 26.02
C SER A 220 31.95 -13.62 26.18
N CYS A 221 32.77 -12.59 26.45
CA CYS A 221 34.22 -12.71 26.59
C CYS A 221 34.71 -11.92 27.80
N ASP B 1 20.69 -8.15 -36.73
CA ASP B 1 19.59 -7.55 -35.96
C ASP B 1 19.74 -6.05 -35.86
N ILE B 2 18.62 -5.34 -35.56
CA ILE B 2 18.63 -3.89 -35.30
C ILE B 2 19.24 -3.76 -33.91
N GLN B 3 20.27 -2.90 -33.79
CA GLN B 3 20.96 -2.65 -32.54
C GLN B 3 20.51 -1.33 -31.98
N MET B 4 20.16 -1.34 -30.69
CA MET B 4 19.66 -0.15 -30.01
C MET B 4 20.74 0.29 -29.08
N THR B 5 21.10 1.58 -29.14
CA THR B 5 22.18 2.13 -28.31
C THR B 5 21.65 3.30 -27.48
N GLN B 6 21.83 3.21 -26.18
CA GLN B 6 21.37 4.26 -25.27
C GLN B 6 22.51 5.16 -24.82
N SER B 7 22.20 6.42 -24.57
CA SER B 7 23.17 7.37 -24.03
C SER B 7 22.54 8.28 -22.96
N PRO B 8 23.23 8.45 -21.80
CA PRO B 8 24.52 7.83 -21.44
C PRO B 8 24.27 6.41 -20.92
N SER B 9 25.31 5.62 -20.61
CA SER B 9 25.11 4.27 -20.05
C SER B 9 24.79 4.36 -18.56
N SER B 10 25.18 5.47 -17.95
CA SER B 10 24.97 5.77 -16.55
C SER B 10 24.81 7.27 -16.40
N LEU B 11 23.98 7.70 -15.46
CA LEU B 11 23.78 9.10 -15.18
C LEU B 11 23.46 9.35 -13.72
N SER B 12 23.91 10.49 -13.20
CA SER B 12 23.64 10.89 -11.84
C SER B 12 22.94 12.23 -11.85
N ALA B 13 21.75 12.34 -11.21
CA ALA B 13 21.02 13.61 -11.25
C ALA B 13 20.29 13.98 -9.94
N SER B 14 19.98 15.29 -9.79
CA SER B 14 19.34 15.86 -8.60
C SER B 14 17.82 15.84 -8.68
N VAL B 15 17.17 15.74 -7.52
CA VAL B 15 15.72 15.80 -7.41
C VAL B 15 15.29 17.14 -8.03
N GLY B 16 14.30 17.11 -8.91
CA GLY B 16 13.83 18.30 -9.59
C GLY B 16 14.43 18.49 -10.98
N ASP B 17 15.54 17.80 -11.28
CA ASP B 17 16.18 17.91 -12.60
C ASP B 17 15.37 17.30 -13.71
N ARG B 18 15.47 17.88 -14.90
CA ARG B 18 14.81 17.35 -16.08
C ARG B 18 15.85 16.44 -16.69
N VAL B 19 15.65 15.11 -16.60
CA VAL B 19 16.64 14.18 -17.15
C VAL B 19 16.14 13.58 -18.48
N THR B 20 17.07 13.41 -19.40
CA THR B 20 16.81 12.84 -20.72
C THR B 20 17.69 11.61 -20.95
N ILE B 21 17.07 10.53 -21.49
CA ILE B 21 17.76 9.30 -21.86
C ILE B 21 17.53 9.12 -23.36
N THR B 22 18.61 8.99 -24.10
CA THR B 22 18.59 8.88 -25.55
C THR B 22 18.63 7.40 -25.94
N CYS B 23 17.97 7.08 -27.04
CA CYS B 23 17.95 5.75 -27.63
C CYS B 23 18.15 5.93 -29.15
N ARG B 24 19.23 5.35 -29.69
CA ARG B 24 19.52 5.38 -31.12
C ARG B 24 19.42 3.97 -31.72
N ALA B 25 18.71 3.87 -32.85
CA ALA B 25 18.53 2.61 -33.59
C ALA B 25 19.56 2.49 -34.75
N SER B 26 20.07 1.26 -35.02
CA SER B 26 21.07 1.03 -36.10
C SER B 26 20.47 1.26 -37.51
N GLN B 27 19.15 1.20 -37.61
CA GLN B 27 18.37 1.55 -38.79
C GLN B 27 17.10 2.22 -38.38
N SER B 28 16.46 2.93 -39.31
CA SER B 28 15.20 3.65 -39.08
C SER B 28 14.13 2.67 -38.64
N ILE B 29 13.42 3.03 -37.59
CA ILE B 29 12.35 2.19 -37.05
C ILE B 29 11.06 2.99 -37.06
N SER B 30 9.93 2.32 -37.02
CA SER B 30 8.70 3.09 -37.11
C SER B 30 8.31 3.76 -35.80
N SER B 31 7.31 3.26 -35.12
CA SER B 31 6.91 3.92 -33.89
C SER B 31 6.76 2.91 -32.78
N TYR B 32 7.27 1.72 -32.98
CA TYR B 32 7.17 0.67 -31.97
C TYR B 32 8.44 0.67 -31.16
N LEU B 33 8.55 1.72 -30.31
CA LEU B 33 9.69 1.98 -29.45
C LEU B 33 9.13 2.17 -28.07
N ASN B 34 9.50 1.27 -27.17
CA ASN B 34 8.96 1.20 -25.81
C ASN B 34 10.02 1.41 -24.75
N TRP B 35 9.63 1.93 -23.56
CA TRP B 35 10.54 2.23 -22.46
C TRP B 35 10.22 1.48 -21.19
N TYR B 36 11.27 1.00 -20.52
CA TYR B 36 11.14 0.21 -19.31
C TYR B 36 11.91 0.78 -18.19
N GLN B 37 11.39 0.56 -16.98
CA GLN B 37 12.06 0.90 -15.75
C GLN B 37 12.35 -0.40 -14.99
N GLN B 38 13.61 -0.68 -14.68
CA GLN B 38 13.97 -1.87 -13.91
C GLN B 38 14.67 -1.49 -12.62
N LYS B 39 13.97 -1.70 -11.51
CA LYS B 39 14.48 -1.47 -10.18
C LYS B 39 15.37 -2.67 -9.77
N PRO B 40 16.43 -2.48 -8.94
CA PRO B 40 17.31 -3.62 -8.59
C PRO B 40 16.57 -4.79 -7.93
N GLY B 41 16.84 -6.00 -8.41
CA GLY B 41 16.19 -7.22 -7.94
C GLY B 41 14.75 -7.43 -8.42
N LYS B 42 14.28 -6.59 -9.34
CA LYS B 42 12.92 -6.63 -9.87
C LYS B 42 12.93 -6.84 -11.36
N ALA B 43 11.79 -7.20 -11.87
CA ALA B 43 11.56 -7.38 -13.30
C ALA B 43 11.32 -5.98 -13.90
N PRO B 44 11.61 -5.77 -15.21
CA PRO B 44 11.28 -4.47 -15.83
C PRO B 44 9.77 -4.15 -15.75
N LYS B 45 9.44 -2.85 -15.70
CA LYS B 45 8.07 -2.34 -15.68
C LYS B 45 7.96 -1.48 -16.93
N LEU B 46 6.90 -1.67 -17.72
CA LEU B 46 6.63 -0.90 -18.95
C LEU B 46 6.15 0.50 -18.59
N LEU B 47 6.86 1.54 -19.04
CA LEU B 47 6.47 2.92 -18.75
C LEU B 47 5.78 3.59 -19.91
N ILE B 48 6.39 3.48 -21.10
CA ILE B 48 5.98 4.15 -22.33
C ILE B 48 5.91 3.14 -23.43
N TYR B 49 4.79 3.16 -24.17
CA TYR B 49 4.47 2.28 -25.27
C TYR B 49 4.35 3.07 -26.56
N ALA B 50 4.89 2.53 -27.65
CA ALA B 50 4.83 3.12 -29.00
C ALA B 50 5.20 4.59 -29.02
N VAL B 51 6.43 4.85 -28.59
CA VAL B 51 7.12 6.16 -28.52
C VAL B 51 6.62 7.08 -27.37
N SER B 52 5.29 7.23 -27.18
CA SER B 52 4.71 8.24 -26.31
C SER B 52 3.48 7.85 -25.46
N THR B 53 2.97 6.61 -25.57
CA THR B 53 1.78 6.23 -24.76
C THR B 53 2.14 5.95 -23.32
N LEU B 54 1.66 6.82 -22.40
CA LEU B 54 1.88 6.70 -20.97
C LEU B 54 1.05 5.52 -20.40
N GLN B 55 1.67 4.68 -19.58
CA GLN B 55 0.97 3.54 -19.01
C GLN B 55 0.23 3.90 -17.73
N SER B 56 -0.75 3.07 -17.33
CA SER B 56 -1.54 3.27 -16.13
C SER B 56 -0.63 3.27 -14.90
N GLY B 57 -0.82 4.26 -14.03
CA GLY B 57 -0.06 4.43 -12.79
C GLY B 57 1.35 4.93 -12.97
N VAL B 58 1.67 5.41 -14.18
CA VAL B 58 2.99 5.96 -14.49
C VAL B 58 2.86 7.47 -14.36
N PRO B 59 3.66 8.11 -13.49
CA PRO B 59 3.54 9.57 -13.32
C PRO B 59 3.78 10.30 -14.63
N SER B 60 2.98 11.34 -14.86
CA SER B 60 3.04 12.18 -16.05
C SER B 60 4.39 12.92 -16.25
N ARG B 61 5.32 12.80 -15.29
CA ARG B 61 6.65 13.38 -15.45
C ARG B 61 7.46 12.53 -16.45
N PHE B 62 7.00 11.26 -16.70
CA PHE B 62 7.63 10.38 -17.71
C PHE B 62 6.98 10.65 -19.04
N SER B 63 7.78 10.94 -20.08
CA SER B 63 7.28 11.16 -21.43
C SER B 63 8.31 10.72 -22.45
N GLY B 64 7.82 10.36 -23.62
CA GLY B 64 8.67 9.90 -24.71
C GLY B 64 8.43 10.68 -25.97
N SER B 65 9.46 10.74 -26.82
CA SER B 65 9.37 11.39 -28.13
C SER B 65 10.42 10.75 -29.00
N GLY B 66 10.48 11.19 -30.26
CA GLY B 66 11.45 10.74 -31.24
C GLY B 66 10.87 10.03 -32.45
N SER B 67 11.71 9.90 -33.51
CA SER B 67 11.34 9.20 -34.73
C SER B 67 12.60 8.80 -35.49
N GLY B 68 12.43 7.99 -36.53
CA GLY B 68 13.51 7.53 -37.41
C GLY B 68 14.45 6.62 -36.67
N THR B 69 15.59 7.18 -36.28
CA THR B 69 16.63 6.49 -35.54
C THR B 69 16.84 7.03 -34.12
N ASP B 70 16.28 8.20 -33.74
CA ASP B 70 16.54 8.83 -32.42
C ASP B 70 15.30 9.03 -31.58
N PHE B 71 15.35 8.53 -30.33
CA PHE B 71 14.23 8.50 -29.39
C PHE B 71 14.66 8.99 -28.05
N THR B 72 13.72 9.57 -27.31
CA THR B 72 14.04 10.12 -26.01
C THR B 72 13.01 9.77 -24.96
N LEU B 73 13.47 9.52 -23.74
CA LEU B 73 12.68 9.37 -22.54
C LEU B 73 13.05 10.56 -21.68
N THR B 74 12.07 11.36 -21.27
CA THR B 74 12.28 12.52 -20.43
C THR B 74 11.58 12.34 -19.08
N ILE B 75 12.34 12.57 -18.00
CA ILE B 75 11.82 12.60 -16.63
C ILE B 75 11.88 14.09 -16.30
N SER B 76 10.75 14.80 -16.38
CA SER B 76 10.69 16.28 -16.25
C SER B 76 11.07 16.87 -14.85
N SER B 77 10.82 16.10 -13.78
CA SER B 77 11.16 16.47 -12.41
C SER B 77 11.59 15.18 -11.73
N LEU B 78 12.89 14.92 -11.68
CA LEU B 78 13.41 13.69 -11.13
C LEU B 78 13.08 13.53 -9.66
N GLN B 79 12.63 12.33 -9.27
CA GLN B 79 12.26 12.00 -7.89
C GLN B 79 13.15 10.90 -7.31
N PRO B 80 13.37 10.83 -5.96
CA PRO B 80 14.24 9.78 -5.42
C PRO B 80 13.85 8.36 -5.83
N GLU B 81 12.53 8.12 -6.08
CA GLU B 81 11.99 6.81 -6.47
C GLU B 81 12.32 6.43 -7.91
N ASP B 82 12.83 7.38 -8.71
CA ASP B 82 13.15 7.15 -10.12
C ASP B 82 14.50 6.45 -10.33
N PHE B 83 15.14 6.09 -9.23
CA PHE B 83 16.39 5.33 -9.25
C PHE B 83 16.05 3.93 -9.84
N ALA B 84 16.76 3.53 -10.91
CA ALA B 84 16.56 2.29 -11.70
C ALA B 84 17.46 2.33 -12.91
N THR B 85 17.43 1.24 -13.72
CA THR B 85 18.08 1.21 -15.03
C THR B 85 16.90 1.18 -16.03
N TYR B 86 17.03 2.03 -17.06
CA TYR B 86 16.02 2.26 -18.07
C TYR B 86 16.43 1.63 -19.37
N TYR B 87 15.48 1.00 -20.06
CA TYR B 87 15.73 0.30 -21.31
C TYR B 87 14.78 0.76 -22.38
N CYS B 88 15.27 0.90 -23.62
CA CYS B 88 14.41 1.17 -24.75
C CYS B 88 14.31 -0.15 -25.49
N GLN B 89 13.24 -0.35 -26.24
CA GLN B 89 13.04 -1.58 -26.99
C GLN B 89 12.42 -1.28 -28.33
N GLN B 90 12.94 -1.87 -29.40
CA GLN B 90 12.26 -1.73 -30.69
C GLN B 90 11.41 -2.98 -30.91
N SER B 91 10.14 -2.84 -31.29
CA SER B 91 9.27 -4.01 -31.51
C SER B 91 8.43 -3.93 -32.79
N GLY B 92 8.89 -3.13 -33.76
CA GLY B 92 8.16 -2.92 -35.00
C GLY B 92 8.50 -3.78 -36.20
N THR B 93 9.45 -4.70 -36.10
CA THR B 93 9.83 -5.63 -37.21
C THR B 93 10.01 -7.02 -36.57
N PHE B 94 9.02 -7.41 -35.80
CA PHE B 94 9.05 -8.61 -35.02
C PHE B 94 8.69 -9.91 -35.75
N PRO B 95 9.37 -11.07 -35.47
CA PRO B 95 10.54 -11.28 -34.60
C PRO B 95 11.87 -10.97 -35.31
N PRO B 96 12.95 -10.63 -34.57
CA PRO B 96 13.03 -10.51 -33.10
C PRO B 96 12.63 -9.13 -32.56
N THR B 97 12.77 -8.92 -31.24
CA THR B 97 12.64 -7.62 -30.59
C THR B 97 13.99 -7.36 -29.92
N THR B 98 14.53 -6.14 -30.02
CA THR B 98 15.83 -5.85 -29.40
C THR B 98 15.74 -4.66 -28.47
N PHE B 99 16.53 -4.72 -27.40
CA PHE B 99 16.58 -3.75 -26.35
C PHE B 99 17.89 -2.99 -26.40
N GLY B 100 17.85 -1.78 -25.83
CA GLY B 100 19.04 -0.95 -25.61
C GLY B 100 19.85 -1.59 -24.49
N GLN B 101 21.07 -1.13 -24.26
CA GLN B 101 21.94 -1.76 -23.25
C GLN B 101 21.60 -1.35 -21.81
N GLY B 102 20.74 -0.35 -21.64
CA GLY B 102 20.37 0.14 -20.31
C GLY B 102 21.11 1.40 -19.89
N THR B 103 20.40 2.26 -19.14
CA THR B 103 20.92 3.51 -18.57
C THR B 103 20.61 3.50 -17.09
N LYS B 104 21.64 3.36 -16.24
CA LYS B 104 21.45 3.41 -14.79
C LYS B 104 21.30 4.87 -14.34
N VAL B 105 20.18 5.20 -13.69
CA VAL B 105 19.92 6.53 -13.14
C VAL B 105 20.16 6.49 -11.64
N GLU B 106 21.07 7.33 -11.16
CA GLU B 106 21.46 7.49 -9.76
C GLU B 106 20.94 8.85 -9.28
N ILE B 107 20.49 8.91 -8.02
CA ILE B 107 19.95 10.10 -7.37
C ILE B 107 21.04 10.78 -6.53
N LYS B 108 21.34 12.05 -6.90
CA LYS B 108 22.31 12.93 -6.25
C LYS B 108 21.69 13.37 -4.94
N ARG B 109 22.50 13.47 -3.91
CA ARG B 109 22.01 13.71 -2.57
C ARG B 109 23.13 14.37 -1.74
N THR B 110 22.86 14.87 -0.49
CA THR B 110 23.89 15.51 0.35
C THR B 110 24.92 14.47 0.78
N VAL B 111 26.12 14.92 1.13
CA VAL B 111 27.21 14.04 1.58
C VAL B 111 26.85 13.42 2.96
N ALA B 112 26.93 12.09 3.06
CA ALA B 112 26.66 11.37 4.30
C ALA B 112 27.83 10.43 4.53
N ALA B 113 28.52 10.61 5.66
CA ALA B 113 29.68 9.79 6.04
C ALA B 113 29.21 8.38 6.43
N PRO B 114 30.02 7.33 6.19
CA PRO B 114 29.58 5.98 6.59
C PRO B 114 29.73 5.74 8.10
N SER B 115 29.00 4.75 8.61
CA SER B 115 29.12 4.26 9.98
C SER B 115 29.96 3.02 9.78
N VAL B 116 31.15 2.99 10.39
CA VAL B 116 32.11 1.90 10.21
C VAL B 116 32.05 0.92 11.38
N PHE B 117 31.95 -0.39 11.05
CA PHE B 117 31.94 -1.51 11.99
C PHE B 117 32.88 -2.59 11.51
N ILE B 118 33.60 -3.24 12.46
CA ILE B 118 34.53 -4.36 12.19
C ILE B 118 34.03 -5.61 12.92
N PHE B 119 34.07 -6.75 12.23
CA PHE B 119 33.64 -8.03 12.77
C PHE B 119 34.81 -9.02 12.78
N PRO B 120 35.20 -9.57 13.96
CA PRO B 120 36.27 -10.56 13.97
C PRO B 120 35.74 -11.90 13.45
N PRO B 121 36.62 -12.82 13.01
CA PRO B 121 36.12 -14.15 12.61
C PRO B 121 35.41 -14.84 13.76
N SER B 122 34.40 -15.63 13.45
CA SER B 122 33.69 -16.36 14.50
C SER B 122 34.58 -17.53 14.96
N ASP B 123 34.27 -18.08 16.14
CA ASP B 123 34.99 -19.23 16.67
C ASP B 123 34.63 -20.48 15.86
N GLU B 124 33.37 -20.56 15.37
CA GLU B 124 32.82 -21.64 14.52
C GLU B 124 33.62 -21.76 13.24
N GLN B 125 34.01 -20.60 12.66
CA GLN B 125 34.78 -20.54 11.42
C GLN B 125 36.24 -20.88 11.70
N LEU B 126 36.81 -20.37 12.82
CA LEU B 126 38.21 -20.63 13.18
C LEU B 126 38.49 -22.12 13.36
N LYS B 127 37.50 -22.87 13.89
CA LYS B 127 37.50 -24.31 14.11
C LYS B 127 37.59 -25.12 12.78
N SER B 128 37.52 -24.43 11.61
CA SER B 128 37.57 -25.04 10.29
C SER B 128 38.83 -24.66 9.46
N GLY B 129 39.70 -23.79 10.01
CA GLY B 129 40.94 -23.39 9.37
C GLY B 129 40.99 -22.07 8.61
N THR B 130 39.84 -21.37 8.48
CA THR B 130 39.75 -20.09 7.78
C THR B 130 39.33 -18.98 8.73
N ALA B 131 39.82 -17.77 8.48
CA ALA B 131 39.49 -16.56 9.21
C ALA B 131 39.02 -15.45 8.23
N SER B 132 37.72 -15.11 8.29
CA SER B 132 37.12 -14.03 7.50
C SER B 132 36.85 -12.83 8.43
N VAL B 133 37.48 -11.71 8.15
CA VAL B 133 37.34 -10.47 8.91
C VAL B 133 36.46 -9.57 8.02
N VAL B 134 35.30 -9.16 8.54
CA VAL B 134 34.36 -8.32 7.81
C VAL B 134 34.34 -6.89 8.29
N CYS B 135 34.37 -5.95 7.36
CA CYS B 135 34.22 -4.54 7.62
C CYS B 135 32.97 -4.00 6.92
N LEU B 136 32.11 -3.33 7.70
CA LEU B 136 30.89 -2.71 7.22
C LEU B 136 31.00 -1.17 7.20
N LEU B 137 30.65 -0.57 6.04
CA LEU B 137 30.54 0.87 5.78
C LEU B 137 29.06 1.04 5.49
N ASN B 138 28.34 1.63 6.43
CA ASN B 138 26.90 1.72 6.37
C ASN B 138 26.31 3.08 6.04
N ASN B 139 25.38 3.12 5.05
CA ASN B 139 24.59 4.30 4.65
C ASN B 139 25.40 5.58 4.37
N PHE B 140 26.18 5.55 3.30
CA PHE B 140 26.97 6.70 2.90
C PHE B 140 26.65 7.18 1.47
N TYR B 141 27.03 8.41 1.19
CA TYR B 141 26.90 9.02 -0.11
C TYR B 141 28.01 10.04 -0.21
N PRO B 142 28.75 10.14 -1.34
CA PRO B 142 28.67 9.34 -2.58
C PRO B 142 29.19 7.90 -2.46
N ARG B 143 29.03 7.10 -3.54
CA ARG B 143 29.45 5.69 -3.66
C ARG B 143 30.95 5.50 -3.41
N GLU B 144 31.77 6.46 -3.86
CA GLU B 144 33.22 6.37 -3.74
C GLU B 144 33.72 6.42 -2.29
N ALA B 145 34.28 5.28 -1.85
CA ALA B 145 34.85 5.05 -0.52
C ALA B 145 36.09 4.17 -0.66
N LYS B 146 37.11 4.45 0.17
CA LYS B 146 38.37 3.73 0.18
C LYS B 146 38.48 2.95 1.48
N VAL B 147 38.50 1.62 1.36
CA VAL B 147 38.64 0.71 2.51
C VAL B 147 40.04 0.10 2.42
N GLN B 148 40.82 0.23 3.51
CA GLN B 148 42.17 -0.31 3.62
C GLN B 148 42.24 -1.24 4.82
N TRP B 149 42.71 -2.46 4.59
CA TRP B 149 42.91 -3.43 5.66
C TRP B 149 44.35 -3.28 6.10
N LYS B 150 44.56 -3.26 7.43
CA LYS B 150 45.86 -3.17 8.06
C LYS B 150 45.94 -4.21 9.16
N VAL B 151 46.97 -5.04 9.09
CA VAL B 151 47.27 -6.09 10.05
C VAL B 151 48.60 -5.67 10.70
N ASP B 152 48.54 -5.29 11.99
CA ASP B 152 49.67 -4.75 12.79
C ASP B 152 50.26 -3.50 12.13
N ASN B 153 49.36 -2.68 11.54
CA ASN B 153 49.56 -1.41 10.83
C ASN B 153 50.19 -1.55 9.44
N ALA B 154 50.31 -2.79 8.94
CA ALA B 154 50.84 -3.05 7.59
C ALA B 154 49.67 -3.21 6.62
N LEU B 155 49.59 -2.33 5.60
CA LEU B 155 48.55 -2.34 4.56
C LEU B 155 48.50 -3.68 3.81
N GLN B 156 47.30 -4.27 3.71
CA GLN B 156 47.02 -5.52 3.01
C GLN B 156 46.60 -5.25 1.55
N SER B 157 46.81 -6.23 0.66
CA SER B 157 46.42 -6.19 -0.76
C SER B 157 46.28 -7.59 -1.32
N GLY B 158 45.21 -7.77 -2.11
CA GLY B 158 44.86 -9.03 -2.78
C GLY B 158 44.16 -10.07 -1.94
N ASN B 159 44.02 -9.83 -0.62
CA ASN B 159 43.35 -10.79 0.28
C ASN B 159 41.93 -10.34 0.68
N SER B 160 41.43 -9.24 0.09
CA SER B 160 40.10 -8.72 0.35
C SER B 160 39.20 -8.64 -0.91
N GLN B 161 37.88 -8.71 -0.67
CA GLN B 161 36.83 -8.55 -1.69
C GLN B 161 35.76 -7.60 -1.15
N GLU B 162 35.47 -6.51 -1.89
CA GLU B 162 34.42 -5.54 -1.56
C GLU B 162 33.14 -5.94 -2.31
N SER B 163 31.98 -5.52 -1.78
CA SER B 163 30.62 -5.69 -2.33
C SER B 163 29.82 -4.46 -1.86
N VAL B 164 29.13 -3.79 -2.78
CA VAL B 164 28.39 -2.57 -2.52
C VAL B 164 26.92 -2.79 -2.83
N THR B 165 26.02 -2.31 -1.94
CA THR B 165 24.59 -2.38 -2.21
C THR B 165 24.25 -1.23 -3.15
N GLU B 166 23.06 -1.33 -3.73
CA GLU B 166 22.44 -0.38 -4.61
C GLU B 166 21.85 0.74 -3.79
N GLN B 167 21.55 1.87 -4.42
CA GLN B 167 20.99 3.03 -3.74
C GLN B 167 19.76 2.71 -2.90
N ASP B 168 19.80 3.06 -1.61
CA ASP B 168 18.67 2.83 -0.70
C ASP B 168 17.51 3.64 -1.20
N SER B 169 16.33 3.01 -1.22
CA SER B 169 15.07 3.56 -1.70
C SER B 169 14.53 4.71 -0.85
N LYS B 170 14.84 4.69 0.45
CA LYS B 170 14.39 5.69 1.41
C LYS B 170 15.37 6.86 1.59
N ASP B 171 16.73 6.63 1.54
CA ASP B 171 17.65 7.74 1.78
C ASP B 171 18.78 7.94 0.72
N SER B 172 18.78 7.15 -0.40
CA SER B 172 19.73 7.25 -1.54
C SER B 172 21.20 7.01 -1.16
N THR B 173 21.42 6.31 -0.07
CA THR B 173 22.77 5.98 0.33
C THR B 173 23.12 4.58 -0.21
N TYR B 174 24.42 4.23 -0.06
CA TYR B 174 25.04 2.97 -0.38
C TYR B 174 25.55 2.38 0.93
N SER B 175 25.78 1.07 0.95
CA SER B 175 26.44 0.35 2.02
C SER B 175 27.46 -0.56 1.35
N LEU B 176 28.57 -0.79 2.03
CA LEU B 176 29.66 -1.57 1.49
C LEU B 176 30.09 -2.60 2.53
N SER B 177 30.45 -3.81 2.05
CA SER B 177 30.97 -4.92 2.84
C SER B 177 32.30 -5.35 2.24
N SER B 178 33.38 -5.29 3.04
CA SER B 178 34.71 -5.73 2.65
C SER B 178 35.11 -6.92 3.54
N THR B 179 35.61 -8.02 2.92
CA THR B 179 36.01 -9.22 3.63
C THR B 179 37.49 -9.49 3.40
N LEU B 180 38.25 -9.62 4.50
CA LEU B 180 39.67 -9.95 4.52
C LEU B 180 39.74 -11.45 4.84
N THR B 181 40.23 -12.26 3.88
CA THR B 181 40.32 -13.71 4.10
C THR B 181 41.78 -14.10 4.39
N LEU B 182 41.96 -14.87 5.47
CA LEU B 182 43.24 -15.37 5.98
C LEU B 182 43.07 -16.79 6.47
N SER B 183 44.19 -17.55 6.50
CA SER B 183 44.23 -18.90 7.06
C SER B 183 44.24 -18.71 8.58
N LYS B 184 43.76 -19.70 9.35
CA LYS B 184 43.75 -19.65 10.81
C LYS B 184 45.17 -19.36 11.33
N ALA B 185 46.18 -20.01 10.68
CA ALA B 185 47.62 -19.91 10.94
C ALA B 185 48.17 -18.49 10.82
N ASP B 186 47.83 -17.79 9.73
CA ASP B 186 48.25 -16.39 9.51
C ASP B 186 47.53 -15.45 10.45
N TYR B 187 46.26 -15.80 10.78
CA TYR B 187 45.44 -15.01 11.70
C TYR B 187 46.01 -15.09 13.12
N GLU B 188 46.44 -16.29 13.56
CA GLU B 188 47.05 -16.49 14.88
C GLU B 188 48.42 -15.79 15.01
N LYS B 189 49.08 -15.43 13.87
CA LYS B 189 50.38 -14.76 13.78
C LYS B 189 50.36 -13.27 14.14
N HIS B 190 49.20 -12.60 14.03
CA HIS B 190 49.14 -11.16 14.29
C HIS B 190 48.11 -10.78 15.34
N LYS B 191 48.20 -9.53 15.88
CA LYS B 191 47.29 -9.10 16.95
C LYS B 191 46.19 -8.08 16.54
N VAL B 192 46.55 -6.91 15.97
CA VAL B 192 45.55 -5.88 15.64
C VAL B 192 45.17 -5.90 14.14
N TYR B 193 43.85 -6.08 13.95
CA TYR B 193 43.13 -6.13 12.69
C TYR B 193 42.30 -4.87 12.57
N ALA B 194 42.76 -3.97 11.68
CA ALA B 194 42.16 -2.68 11.43
C ALA B 194 41.55 -2.52 10.03
N CYS B 195 40.44 -1.78 9.97
CA CYS B 195 39.73 -1.41 8.77
C CYS B 195 39.73 0.13 8.74
N GLU B 196 40.50 0.74 7.82
CA GLU B 196 40.61 2.20 7.67
C GLU B 196 39.79 2.68 6.44
N VAL B 197 38.90 3.65 6.71
CA VAL B 197 37.93 4.21 5.77
C VAL B 197 38.17 5.67 5.41
N THR B 198 38.35 5.94 4.09
CA THR B 198 38.51 7.28 3.55
C THR B 198 37.22 7.56 2.74
N HIS B 199 36.60 8.75 2.95
CA HIS B 199 35.35 9.16 2.30
C HIS B 199 35.20 10.67 2.45
N GLN B 200 34.52 11.28 1.47
CA GLN B 200 34.22 12.72 1.38
C GLN B 200 33.54 13.27 2.67
N GLY B 201 32.78 12.41 3.36
CA GLY B 201 32.06 12.77 4.59
C GLY B 201 32.89 12.81 5.85
N LEU B 202 34.12 12.27 5.78
CA LEU B 202 35.05 12.21 6.91
C LEU B 202 36.21 13.20 6.73
N SER B 203 36.39 14.14 7.71
CA SER B 203 37.49 15.13 7.71
C SER B 203 38.87 14.45 7.63
N SER B 204 38.99 13.28 8.26
CA SER B 204 40.19 12.44 8.30
C SER B 204 39.75 10.97 8.31
N PRO B 205 40.58 10.01 7.83
CA PRO B 205 40.16 8.60 7.84
C PRO B 205 39.66 8.06 9.17
N VAL B 206 38.72 7.13 9.11
CA VAL B 206 38.17 6.49 10.29
C VAL B 206 38.68 5.05 10.35
N THR B 207 39.27 4.66 11.48
CA THR B 207 39.79 3.32 11.68
C THR B 207 38.98 2.62 12.74
N LYS B 208 38.58 1.40 12.43
CA LYS B 208 37.88 0.53 13.37
C LYS B 208 38.77 -0.67 13.48
N SER B 209 39.02 -1.13 14.72
CA SER B 209 39.92 -2.26 14.95
C SER B 209 39.57 -3.09 16.14
N PHE B 210 40.26 -4.22 16.26
CA PHE B 210 40.13 -5.17 17.38
C PHE B 210 41.47 -5.91 17.52
N ASN B 211 41.75 -6.39 18.74
CA ASN B 211 42.95 -7.18 19.02
C ASN B 211 42.45 -8.60 19.11
N ARG B 212 43.08 -9.54 18.37
CA ARG B 212 42.69 -10.95 18.36
C ARG B 212 42.70 -11.53 19.79
N GLY B 213 41.63 -12.22 20.12
CA GLY B 213 41.42 -12.84 21.42
C GLY B 213 40.69 -11.95 22.41
N GLU B 214 41.38 -10.89 22.88
CA GLU B 214 40.85 -9.96 23.88
C GLU B 214 39.69 -9.10 23.34
N CYS B 215 38.78 -8.71 24.25
CA CYS B 215 37.60 -7.88 23.97
C CYS B 215 37.51 -6.66 24.91
N GLN C 1 -34.80 -0.90 14.08
CA GLN C 1 -35.41 -1.31 12.83
C GLN C 1 -34.44 -2.14 11.95
N VAL C 2 -33.96 -1.58 10.79
CA VAL C 2 -33.02 -2.21 9.86
C VAL C 2 -31.77 -2.65 10.60
N GLN C 3 -31.51 -3.96 10.61
CA GLN C 3 -30.33 -4.50 11.26
C GLN C 3 -29.63 -5.55 10.37
N LEU C 4 -28.29 -5.57 10.43
CA LEU C 4 -27.41 -6.48 9.69
C LEU C 4 -26.39 -7.04 10.68
N LEU C 5 -26.55 -8.31 11.06
CA LEU C 5 -25.69 -8.94 12.06
C LEU C 5 -24.77 -9.94 11.39
N GLU C 6 -23.47 -9.71 11.49
CA GLU C 6 -22.44 -10.54 10.90
C GLU C 6 -21.77 -11.51 11.84
N SER C 7 -21.23 -12.60 11.24
CA SER C 7 -20.48 -13.66 11.90
C SER C 7 -19.65 -14.43 10.89
N GLY C 8 -18.65 -15.13 11.38
CA GLY C 8 -17.81 -16.00 10.58
C GLY C 8 -16.37 -15.62 10.38
N GLY C 9 -15.94 -14.45 10.85
CA GLY C 9 -14.55 -14.01 10.68
C GLY C 9 -13.54 -14.80 11.50
N GLY C 10 -12.26 -14.54 11.28
CA GLY C 10 -11.19 -15.21 12.03
C GLY C 10 -9.89 -15.44 11.31
N LEU C 11 -8.98 -16.17 11.98
CA LEU C 11 -7.65 -16.56 11.45
C LEU C 11 -7.83 -17.74 10.49
N VAL C 12 -7.12 -17.67 9.35
CA VAL C 12 -7.16 -18.67 8.28
C VAL C 12 -5.82 -18.65 7.54
N GLN C 13 -5.28 -19.82 7.23
CA GLN C 13 -3.98 -19.89 6.57
C GLN C 13 -4.11 -19.61 5.08
N PRO C 14 -3.03 -19.12 4.43
CA PRO C 14 -3.10 -18.91 2.97
C PRO C 14 -3.46 -20.22 2.26
N GLY C 15 -4.42 -20.12 1.35
CA GLY C 15 -4.97 -21.25 0.59
C GLY C 15 -6.24 -21.75 1.23
N GLY C 16 -6.55 -21.20 2.41
CA GLY C 16 -7.71 -21.55 3.20
C GLY C 16 -9.03 -21.07 2.64
N SER C 17 -10.10 -21.48 3.33
CA SER C 17 -11.50 -21.23 3.01
C SER C 17 -12.17 -20.72 4.27
N LEU C 18 -13.22 -19.88 4.12
CA LEU C 18 -13.98 -19.32 5.23
C LEU C 18 -15.36 -18.89 4.78
N ARG C 19 -16.37 -19.06 5.64
CA ARG C 19 -17.71 -18.63 5.28
C ARG C 19 -18.22 -17.55 6.24
N LEU C 20 -18.68 -16.41 5.68
CA LEU C 20 -19.24 -15.30 6.44
C LEU C 20 -20.72 -15.30 6.29
N SER C 21 -21.43 -14.82 7.30
CA SER C 21 -22.89 -14.78 7.28
C SER C 21 -23.32 -13.38 7.68
N CYS C 22 -24.52 -12.99 7.27
CA CYS C 22 -25.08 -11.70 7.58
C CYS C 22 -26.58 -11.90 7.77
N ALA C 23 -27.04 -11.91 9.03
CA ALA C 23 -28.45 -12.06 9.35
C ALA C 23 -29.14 -10.71 9.26
N ALA C 24 -30.19 -10.61 8.44
CA ALA C 24 -30.92 -9.37 8.27
C ALA C 24 -32.28 -9.37 8.93
N SER C 25 -32.72 -8.19 9.43
CA SER C 25 -34.03 -7.98 10.05
C SER C 25 -34.43 -6.51 9.94
N GLY C 26 -35.72 -6.24 10.03
CA GLY C 26 -36.26 -4.89 10.04
C GLY C 26 -36.66 -4.32 8.70
N PHE C 27 -36.59 -5.14 7.64
CA PHE C 27 -36.93 -4.72 6.29
C PHE C 27 -37.22 -5.95 5.43
N THR C 28 -37.84 -5.72 4.26
CA THR C 28 -38.10 -6.80 3.31
C THR C 28 -36.77 -7.15 2.62
N PHE C 29 -36.12 -8.20 3.13
CA PHE C 29 -34.82 -8.69 2.67
C PHE C 29 -34.73 -8.91 1.17
N SER C 30 -35.70 -9.66 0.60
CA SER C 30 -35.77 -10.00 -0.82
C SER C 30 -35.93 -8.79 -1.77
N SER C 31 -36.29 -7.63 -1.24
CA SER C 31 -36.47 -6.42 -2.04
C SER C 31 -35.15 -5.68 -2.33
N HIS C 32 -34.05 -6.08 -1.65
CA HIS C 32 -32.76 -5.43 -1.78
C HIS C 32 -31.63 -6.23 -2.36
N GLY C 33 -30.81 -5.54 -3.16
CA GLY C 33 -29.52 -6.03 -3.61
C GLY C 33 -28.69 -6.02 -2.34
N MET C 34 -27.83 -7.02 -2.15
CA MET C 34 -27.05 -7.12 -0.92
C MET C 34 -25.62 -7.24 -1.38
N HIS C 35 -24.69 -6.65 -0.62
CA HIS C 35 -23.30 -6.56 -1.02
C HIS C 35 -22.34 -6.86 0.08
N TRP C 36 -21.07 -7.13 -0.31
CA TRP C 36 -19.91 -7.30 0.57
C TRP C 36 -18.91 -6.22 0.21
N VAL C 37 -18.49 -5.48 1.21
CA VAL C 37 -17.53 -4.39 1.05
C VAL C 37 -16.47 -4.64 2.12
N ARG C 38 -15.18 -4.61 1.79
CA ARG C 38 -14.13 -4.83 2.79
C ARG C 38 -13.22 -3.62 3.00
N GLN C 39 -12.56 -3.59 4.17
CA GLN C 39 -11.65 -2.52 4.58
C GLN C 39 -10.45 -3.14 5.24
N ALA C 40 -9.30 -3.10 4.56
CA ALA C 40 -8.06 -3.63 5.11
C ALA C 40 -7.63 -2.71 6.28
N PRO C 41 -7.01 -3.25 7.36
CA PRO C 41 -6.62 -2.40 8.51
C PRO C 41 -5.89 -1.09 8.16
N GLY C 42 -6.49 0.02 8.60
CA GLY C 42 -6.00 1.37 8.35
C GLY C 42 -6.14 1.86 6.92
N LYS C 43 -6.84 1.10 6.05
CA LYS C 43 -7.01 1.45 4.64
C LYS C 43 -8.46 1.79 4.29
N GLY C 44 -8.73 2.02 3.00
CA GLY C 44 -10.05 2.44 2.50
C GLY C 44 -11.05 1.34 2.22
N LEU C 45 -12.14 1.70 1.52
CA LEU C 45 -13.18 0.74 1.21
C LEU C 45 -13.05 0.11 -0.14
N GLU C 46 -13.17 -1.22 -0.18
CA GLU C 46 -13.11 -2.02 -1.41
C GLU C 46 -14.37 -2.86 -1.56
N TRP C 47 -15.18 -2.56 -2.61
CA TRP C 47 -16.36 -3.33 -2.94
C TRP C 47 -15.92 -4.73 -3.44
N VAL C 48 -16.60 -5.79 -2.92
CA VAL C 48 -16.28 -7.19 -3.18
C VAL C 48 -17.28 -7.94 -4.09
N SER C 49 -18.56 -7.93 -3.73
CA SER C 49 -19.56 -8.72 -4.43
C SER C 49 -20.96 -8.16 -4.25
N VAL C 50 -21.85 -8.46 -5.20
CA VAL C 50 -23.27 -8.09 -5.19
C VAL C 50 -24.15 -9.34 -5.45
N ILE C 51 -25.36 -9.33 -4.89
CA ILE C 51 -26.39 -10.33 -5.17
C ILE C 51 -27.75 -9.63 -5.26
N SER C 52 -28.54 -9.90 -6.31
CA SER C 52 -29.88 -9.33 -6.44
C SER C 52 -30.83 -9.89 -5.35
N GLY C 53 -31.97 -9.23 -5.17
CA GLY C 53 -33.02 -9.62 -4.23
C GLY C 53 -33.39 -11.09 -4.33
N SER C 54 -33.66 -11.56 -5.56
CA SER C 54 -33.99 -12.97 -5.90
C SER C 54 -32.87 -13.95 -5.60
N GLY C 55 -31.61 -13.49 -5.67
CA GLY C 55 -30.42 -14.33 -5.49
C GLY C 55 -29.93 -14.89 -6.79
N SER C 56 -30.54 -14.47 -7.90
CA SER C 56 -30.29 -14.93 -9.26
C SER C 56 -29.21 -14.17 -10.03
N ASN C 57 -28.99 -12.93 -9.68
CA ASN C 57 -28.00 -12.12 -10.34
C ASN C 57 -26.85 -11.79 -9.36
N THR C 58 -25.62 -12.14 -9.71
CA THR C 58 -24.44 -11.95 -8.87
C THR C 58 -23.32 -11.18 -9.61
N GLY C 59 -22.42 -10.58 -8.86
CA GLY C 59 -21.29 -9.82 -9.38
C GLY C 59 -20.13 -9.86 -8.41
N TYR C 60 -18.93 -9.70 -8.94
CA TYR C 60 -17.69 -9.78 -8.21
C TYR C 60 -16.73 -8.73 -8.64
N ALA C 61 -15.86 -8.29 -7.72
CA ALA C 61 -14.73 -7.42 -8.05
C ALA C 61 -13.71 -8.36 -8.72
N ASP C 62 -12.84 -7.85 -9.61
CA ASP C 62 -11.82 -8.68 -10.26
C ASP C 62 -10.87 -9.38 -9.28
N SER C 63 -10.62 -8.75 -8.12
CA SER C 63 -9.73 -9.22 -7.07
C SER C 63 -10.18 -10.50 -6.39
N VAL C 64 -11.47 -10.85 -6.48
CA VAL C 64 -12.06 -12.00 -5.79
C VAL C 64 -12.73 -13.01 -6.75
N LYS C 65 -12.94 -12.60 -8.01
CA LYS C 65 -13.55 -13.40 -9.07
C LYS C 65 -12.88 -14.79 -9.24
N GLY C 66 -13.71 -15.83 -9.24
CA GLY C 66 -13.27 -17.21 -9.33
C GLY C 66 -12.89 -17.82 -8.00
N ARG C 67 -12.66 -17.03 -6.96
CA ARG C 67 -12.27 -17.56 -5.64
C ARG C 67 -13.41 -17.43 -4.65
N PHE C 68 -14.19 -16.34 -4.71
CA PHE C 68 -15.30 -16.13 -3.79
C PHE C 68 -16.64 -16.42 -4.47
N THR C 69 -17.63 -16.76 -3.65
CA THR C 69 -19.00 -16.98 -4.07
C THR C 69 -19.93 -16.30 -3.08
N ILE C 70 -20.84 -15.49 -3.61
CA ILE C 70 -21.87 -14.79 -2.82
C ILE C 70 -23.17 -15.57 -2.97
N SER C 71 -23.92 -15.71 -1.88
CA SER C 71 -25.21 -16.38 -1.91
C SER C 71 -26.10 -15.79 -0.84
N ARG C 72 -27.39 -16.06 -0.93
CA ARG C 72 -28.37 -15.61 0.05
C ARG C 72 -29.45 -16.70 0.24
N ASP C 73 -30.02 -16.75 1.47
CA ASP C 73 -31.13 -17.62 1.83
C ASP C 73 -32.25 -16.69 2.28
N ASN C 74 -33.17 -16.40 1.38
CA ASN C 74 -34.25 -15.47 1.67
C ASN C 74 -35.25 -15.96 2.72
N SER C 75 -35.41 -17.30 2.86
CA SER C 75 -36.30 -17.91 3.85
C SER C 75 -35.75 -17.66 5.27
N LYS C 76 -34.40 -17.67 5.42
CA LYS C 76 -33.65 -17.42 6.65
C LYS C 76 -33.18 -15.95 6.77
N ASN C 77 -33.47 -15.09 5.76
CA ASN C 77 -33.02 -13.69 5.69
C ASN C 77 -31.50 -13.53 5.92
N THR C 78 -30.71 -14.44 5.34
CA THR C 78 -29.25 -14.49 5.53
C THR C 78 -28.46 -14.39 4.24
N LEU C 79 -27.39 -13.59 4.30
CA LEU C 79 -26.46 -13.37 3.21
C LEU C 79 -25.22 -14.15 3.54
N TYR C 80 -24.59 -14.73 2.53
CA TYR C 80 -23.34 -15.45 2.75
C TYR C 80 -22.26 -15.00 1.83
N LEU C 81 -21.01 -15.20 2.26
CA LEU C 81 -19.83 -14.99 1.43
C LEU C 81 -18.92 -16.18 1.63
N GLN C 82 -18.85 -17.06 0.65
CA GLN C 82 -17.95 -18.21 0.70
C GLN C 82 -16.60 -17.78 0.09
N MET C 83 -15.57 -17.70 0.92
CA MET C 83 -14.23 -17.30 0.47
C MET C 83 -13.38 -18.56 0.40
N ASN C 84 -12.53 -18.66 -0.62
CA ASN C 84 -11.66 -19.81 -0.89
C ASN C 84 -10.38 -19.24 -1.47
N SER C 85 -9.30 -20.05 -1.50
CA SER C 85 -7.97 -19.68 -2.02
C SER C 85 -7.53 -18.34 -1.43
N LEU C 86 -7.74 -18.17 -0.12
CA LEU C 86 -7.43 -16.94 0.60
C LEU C 86 -5.97 -16.61 0.59
N ARG C 87 -5.69 -15.33 0.36
CA ARG C 87 -4.36 -14.74 0.20
C ARG C 87 -4.14 -13.73 1.31
N ALA C 88 -2.88 -13.34 1.54
CA ALA C 88 -2.51 -12.35 2.55
C ALA C 88 -3.33 -11.05 2.33
N GLU C 89 -3.40 -10.56 1.06
CA GLU C 89 -4.11 -9.34 0.64
C GLU C 89 -5.65 -9.37 0.87
N ASP C 90 -6.21 -10.51 1.26
CA ASP C 90 -7.63 -10.62 1.59
C ASP C 90 -7.91 -10.24 3.04
N THR C 91 -6.86 -10.05 3.87
CA THR C 91 -6.99 -9.65 5.27
C THR C 91 -7.67 -8.28 5.35
N ALA C 92 -8.87 -8.24 5.95
CA ALA C 92 -9.68 -7.03 6.07
C ALA C 92 -10.83 -7.24 7.03
N VAL C 93 -11.57 -6.15 7.30
CA VAL C 93 -12.84 -6.18 8.02
C VAL C 93 -13.83 -6.29 6.86
N TYR C 94 -14.72 -7.29 6.91
CA TYR C 94 -15.71 -7.53 5.85
C TYR C 94 -17.03 -7.09 6.33
N TYR C 95 -17.70 -6.22 5.57
CA TYR C 95 -19.02 -5.74 5.91
C TYR C 95 -20.01 -6.23 4.91
N CYS C 96 -21.20 -6.62 5.37
CA CYS C 96 -22.31 -6.83 4.47
C CYS C 96 -23.02 -5.47 4.44
N ALA C 97 -23.64 -5.13 3.30
CA ALA C 97 -24.30 -3.84 3.17
C ALA C 97 -25.55 -3.95 2.30
N ARG C 98 -26.60 -3.22 2.71
CA ARG C 98 -27.87 -3.14 1.99
C ARG C 98 -27.78 -2.06 0.91
N GLN C 99 -28.22 -2.40 -0.32
CA GLN C 99 -28.23 -1.47 -1.42
C GLN C 99 -29.35 -0.44 -1.27
N TRP C 100 -29.01 0.83 -1.60
CA TRP C 100 -29.91 1.98 -1.63
C TRP C 100 -29.73 2.62 -2.97
N GLY C 101 -30.81 2.60 -3.75
CA GLY C 101 -30.83 3.12 -5.11
C GLY C 101 -29.80 2.44 -5.98
N SER C 102 -29.10 3.28 -6.76
CA SER C 102 -28.05 2.86 -7.68
C SER C 102 -26.72 2.57 -6.94
N TYR C 103 -26.71 1.46 -6.24
CA TYR C 103 -25.54 0.87 -5.56
C TYR C 103 -24.80 1.79 -4.55
N ALA C 104 -25.56 2.65 -3.83
CA ALA C 104 -25.08 3.36 -2.64
C ALA C 104 -25.37 2.36 -1.49
N PHE C 105 -24.76 2.53 -0.30
CA PHE C 105 -24.97 1.58 0.80
C PHE C 105 -25.50 2.28 2.03
N ASP C 106 -26.76 2.02 2.36
CA ASP C 106 -27.40 2.76 3.47
C ASP C 106 -27.38 2.06 4.83
N SER C 107 -27.21 0.73 4.88
CA SER C 107 -27.12 0.01 6.17
C SER C 107 -26.00 -0.97 6.01
N TRP C 108 -25.15 -1.06 7.02
CA TRP C 108 -23.96 -1.89 7.04
C TRP C 108 -23.98 -2.71 8.30
N GLY C 109 -23.27 -3.82 8.29
CA GLY C 109 -23.11 -4.65 9.47
C GLY C 109 -22.02 -4.02 10.33
N GLN C 110 -21.77 -4.58 11.53
CA GLN C 110 -20.72 -4.13 12.46
C GLN C 110 -19.33 -4.44 11.93
N GLY C 111 -19.27 -5.43 11.03
CA GLY C 111 -18.04 -5.92 10.43
C GLY C 111 -17.52 -7.16 11.11
N THR C 112 -16.69 -7.94 10.40
CA THR C 112 -16.04 -9.14 10.92
C THR C 112 -14.61 -9.18 10.35
N LEU C 113 -13.60 -9.34 11.22
CA LEU C 113 -12.21 -9.34 10.77
C LEU C 113 -11.81 -10.72 10.28
N VAL C 114 -11.12 -10.75 9.13
CA VAL C 114 -10.61 -11.96 8.51
C VAL C 114 -9.11 -11.76 8.38
N THR C 115 -8.33 -12.62 9.05
CA THR C 115 -6.86 -12.55 9.02
C THR C 115 -6.36 -13.77 8.30
N VAL C 116 -5.62 -13.54 7.23
CA VAL C 116 -5.06 -14.61 6.44
C VAL C 116 -3.57 -14.59 6.75
N SER C 117 -3.08 -15.59 7.52
CA SER C 117 -1.67 -15.67 7.93
C SER C 117 -1.23 -17.10 8.18
N SER C 118 0.03 -17.38 7.86
CA SER C 118 0.64 -18.67 8.12
C SER C 118 1.20 -18.75 9.56
N ALA C 119 1.45 -17.58 10.24
CA ALA C 119 1.95 -17.53 11.62
C ALA C 119 0.94 -18.06 12.61
N SER C 120 1.42 -18.61 13.74
CA SER C 120 0.58 -19.23 14.77
C SER C 120 -0.04 -18.25 15.75
N THR C 121 -1.21 -18.65 16.30
CA THR C 121 -2.00 -17.92 17.29
C THR C 121 -1.33 -17.99 18.65
N LYS C 122 -0.88 -16.82 19.17
CA LYS C 122 -0.27 -16.69 20.49
C LYS C 122 -1.18 -15.87 21.41
N GLY C 123 -1.48 -16.43 22.57
CA GLY C 123 -2.28 -15.78 23.58
C GLY C 123 -1.47 -14.70 24.29
N PRO C 124 -2.11 -13.67 24.87
CA PRO C 124 -1.32 -12.63 25.54
C PRO C 124 -1.00 -12.90 27.01
N SER C 125 0.05 -12.24 27.48
CA SER C 125 0.44 -12.22 28.89
C SER C 125 -0.17 -10.89 29.41
N VAL C 126 -0.94 -10.93 30.52
CA VAL C 126 -1.61 -9.75 31.07
C VAL C 126 -0.99 -9.33 32.42
N PHE C 127 -0.33 -8.17 32.43
CA PHE C 127 0.35 -7.60 33.59
C PHE C 127 -0.31 -6.30 34.10
N PRO C 128 -0.34 -6.06 35.42
CA PRO C 128 -0.96 -4.82 35.92
C PRO C 128 -0.05 -3.58 35.83
N LEU C 129 -0.68 -2.41 35.70
CA LEU C 129 -0.04 -1.10 35.69
C LEU C 129 -0.61 -0.49 36.96
N ALA C 130 0.07 -0.77 38.08
CA ALA C 130 -0.36 -0.40 39.42
C ALA C 130 -0.27 1.09 39.71
N PRO C 131 -1.32 1.65 40.37
CA PRO C 131 -1.26 3.07 40.77
C PRO C 131 -0.41 3.24 42.03
N SER C 132 0.70 4.00 41.93
CA SER C 132 1.60 4.21 43.07
C SER C 132 1.16 5.37 44.00
N SER C 133 1.93 5.63 45.09
CA SER C 133 1.70 6.73 46.04
C SER C 133 2.14 8.06 45.39
N LYS C 134 3.03 7.97 44.38
CA LYS C 134 3.56 9.07 43.56
C LYS C 134 2.62 9.33 42.36
N SER C 135 2.02 8.24 41.77
CA SER C 135 1.06 8.29 40.65
C SER C 135 -0.26 9.00 41.03
N THR C 136 -0.51 9.19 42.35
CA THR C 136 -1.66 9.92 42.88
C THR C 136 -1.33 11.42 42.84
N SER C 137 -1.24 11.98 41.61
CA SER C 137 -0.93 13.38 41.33
C SER C 137 -2.17 14.24 41.65
N GLY C 138 -2.31 14.56 42.94
CA GLY C 138 -3.41 15.33 43.50
C GLY C 138 -4.54 14.43 43.96
N GLY C 139 -5.63 14.45 43.20
CA GLY C 139 -6.84 13.66 43.47
C GLY C 139 -7.18 12.67 42.38
N THR C 140 -6.42 12.70 41.27
CA THR C 140 -6.62 11.81 40.13
C THR C 140 -5.43 10.85 39.96
N ALA C 141 -5.71 9.53 40.00
CA ALA C 141 -4.70 8.48 39.83
C ALA C 141 -4.94 7.69 38.54
N ALA C 142 -3.88 7.10 37.99
CA ALA C 142 -4.02 6.25 36.81
C ALA C 142 -3.55 4.84 37.10
N LEU C 143 -4.29 3.88 36.54
CA LEU C 143 -3.97 2.45 36.63
C LEU C 143 -4.29 1.78 35.31
N GLY C 144 -3.73 0.60 35.07
CA GLY C 144 -4.00 -0.10 33.82
C GLY C 144 -3.58 -1.56 33.74
N CYS C 145 -3.59 -2.06 32.50
CA CYS C 145 -3.19 -3.42 32.13
C CYS C 145 -2.36 -3.40 30.87
N LEU C 146 -1.29 -4.19 30.87
CA LEU C 146 -0.42 -4.38 29.72
C LEU C 146 -0.70 -5.78 29.15
N VAL C 147 -1.20 -5.80 27.90
CA VAL C 147 -1.59 -7.00 27.16
C VAL C 147 -0.46 -7.23 26.16
N LYS C 148 0.50 -8.09 26.55
CA LYS C 148 1.73 -8.31 25.81
C LYS C 148 1.87 -9.67 25.12
N ASP C 149 2.56 -9.63 23.96
CA ASP C 149 3.02 -10.75 23.12
C ASP C 149 1.88 -11.67 22.60
N TYR C 150 0.97 -11.09 21.80
CA TYR C 150 -0.13 -11.85 21.21
C TYR C 150 -0.12 -11.80 19.70
N PHE C 151 -0.78 -12.78 19.08
CA PHE C 151 -0.95 -12.88 17.63
C PHE C 151 -2.17 -13.77 17.31
N PRO C 152 -3.05 -13.35 16.39
CA PRO C 152 -3.05 -12.09 15.64
C PRO C 152 -3.93 -11.05 16.37
N GLU C 153 -4.18 -9.91 15.72
CA GLU C 153 -5.13 -8.93 16.22
C GLU C 153 -6.54 -9.59 16.04
N PRO C 154 -7.57 -9.27 16.84
CA PRO C 154 -7.64 -8.24 17.89
C PRO C 154 -7.80 -8.79 19.32
N VAL C 155 -7.68 -7.88 20.29
CA VAL C 155 -7.97 -8.16 21.68
C VAL C 155 -9.01 -7.13 22.10
N THR C 156 -9.84 -7.47 23.08
CA THR C 156 -10.83 -6.56 23.65
C THR C 156 -10.50 -6.42 25.14
N VAL C 157 -10.64 -5.21 25.67
CA VAL C 157 -10.39 -4.89 27.06
C VAL C 157 -11.57 -4.09 27.57
N SER C 158 -12.17 -4.56 28.67
CA SER C 158 -13.24 -3.89 29.40
C SER C 158 -12.75 -3.77 30.84
N TRP C 159 -13.33 -2.86 31.61
CA TRP C 159 -12.98 -2.68 33.01
C TRP C 159 -14.22 -2.94 33.86
N ASN C 160 -14.05 -3.83 34.85
CA ASN C 160 -15.10 -4.25 35.80
C ASN C 160 -16.34 -4.80 35.08
N SER C 161 -16.10 -5.59 34.02
CA SER C 161 -17.09 -6.25 33.16
C SER C 161 -18.07 -5.26 32.49
N GLY C 162 -17.56 -4.07 32.13
CA GLY C 162 -18.33 -3.04 31.46
C GLY C 162 -18.90 -1.94 32.35
N ALA C 163 -18.80 -2.11 33.68
CA ALA C 163 -19.29 -1.16 34.66
C ALA C 163 -18.51 0.15 34.60
N LEU C 164 -17.19 0.05 34.35
CA LEU C 164 -16.29 1.19 34.27
C LEU C 164 -15.97 1.55 32.81
N THR C 165 -16.47 2.72 32.35
CA THR C 165 -16.31 3.19 30.97
C THR C 165 -15.65 4.57 30.88
N SER C 166 -15.96 5.47 31.83
CA SER C 166 -15.40 6.82 31.82
C SER C 166 -13.92 6.82 32.20
N GLY C 167 -13.13 7.64 31.52
CA GLY C 167 -11.69 7.74 31.74
C GLY C 167 -10.84 6.64 31.13
N VAL C 168 -11.47 5.62 30.49
CA VAL C 168 -10.82 4.47 29.87
C VAL C 168 -10.20 4.82 28.51
N HIS C 169 -8.95 4.37 28.30
CA HIS C 169 -8.21 4.50 27.05
C HIS C 169 -7.52 3.17 26.74
N THR C 170 -8.06 2.44 25.76
CA THR C 170 -7.48 1.21 25.24
C THR C 170 -6.73 1.62 23.98
N PHE C 171 -5.40 1.63 24.09
CA PHE C 171 -4.48 2.05 23.05
C PHE C 171 -4.38 1.11 21.85
N PRO C 172 -4.15 1.66 20.62
CA PRO C 172 -3.93 0.79 19.46
C PRO C 172 -2.71 -0.12 19.68
N ALA C 173 -2.79 -1.41 19.28
CA ALA C 173 -1.69 -2.35 19.46
C ALA C 173 -0.48 -1.96 18.66
N VAL C 174 0.70 -2.27 19.19
CA VAL C 174 1.93 -1.98 18.49
C VAL C 174 2.57 -3.32 18.10
N LEU C 175 3.04 -3.43 16.86
CA LEU C 175 3.69 -4.64 16.40
C LEU C 175 5.14 -4.56 16.83
N GLN C 176 5.58 -5.53 17.67
CA GLN C 176 6.95 -5.61 18.17
C GLN C 176 7.83 -6.30 17.11
N SER C 177 9.17 -6.18 17.22
CA SER C 177 10.12 -6.80 16.25
C SER C 177 10.06 -8.34 16.23
N SER C 178 9.46 -8.94 17.28
CA SER C 178 9.22 -10.37 17.45
C SER C 178 8.00 -10.87 16.64
N GLY C 179 7.34 -9.95 15.92
CA GLY C 179 6.16 -10.23 15.12
C GLY C 179 4.91 -10.41 15.97
N LEU C 180 5.03 -10.09 17.27
CA LEU C 180 3.95 -10.18 18.26
C LEU C 180 3.43 -8.79 18.65
N TYR C 181 2.14 -8.68 18.97
CA TYR C 181 1.48 -7.43 19.33
C TYR C 181 1.47 -7.15 20.82
N SER C 182 1.44 -5.85 21.15
CA SER C 182 1.37 -5.39 22.53
C SER C 182 0.55 -4.10 22.63
N LEU C 183 -0.44 -4.09 23.55
CA LEU C 183 -1.22 -2.90 23.83
C LEU C 183 -1.38 -2.70 25.32
N SER C 184 -1.76 -1.49 25.70
CA SER C 184 -2.06 -1.13 27.07
C SER C 184 -3.45 -0.52 27.15
N SER C 185 -4.13 -0.76 28.26
CA SER C 185 -5.46 -0.20 28.55
C SER C 185 -5.31 0.45 29.90
N VAL C 186 -5.64 1.74 29.98
CA VAL C 186 -5.54 2.53 31.21
C VAL C 186 -6.88 3.18 31.55
N VAL C 187 -7.02 3.58 32.81
CA VAL C 187 -8.20 4.29 33.31
C VAL C 187 -7.76 5.26 34.40
N THR C 188 -8.20 6.53 34.30
CA THR C 188 -7.93 7.51 35.34
C THR C 188 -9.15 7.49 36.28
N VAL C 189 -8.89 7.22 37.55
CA VAL C 189 -9.91 7.16 38.62
C VAL C 189 -9.52 8.12 39.77
N PRO C 190 -10.45 8.50 40.67
CA PRO C 190 -10.07 9.37 41.78
C PRO C 190 -9.21 8.58 42.78
N SER C 191 -8.11 9.20 43.25
CA SER C 191 -7.19 8.60 44.23
C SER C 191 -7.98 8.12 45.45
N SER C 192 -9.01 8.91 45.81
CA SER C 192 -9.94 8.69 46.93
C SER C 192 -10.83 7.44 46.77
N SER C 193 -10.73 6.74 45.62
CA SER C 193 -11.50 5.51 45.37
C SER C 193 -10.62 4.25 45.39
N LEU C 194 -9.29 4.40 45.46
CA LEU C 194 -8.36 3.27 45.45
C LEU C 194 -8.51 2.34 46.64
N GLY C 195 -8.86 2.87 47.80
CA GLY C 195 -9.06 2.08 49.01
C GLY C 195 -10.40 1.39 49.07
N THR C 196 -11.42 1.96 48.39
CA THR C 196 -12.82 1.50 48.39
C THR C 196 -13.22 0.65 47.17
N GLN C 197 -12.74 1.01 45.96
CA GLN C 197 -13.11 0.34 44.72
C GLN C 197 -12.07 -0.63 44.17
N THR C 198 -12.57 -1.79 43.74
CA THR C 198 -11.85 -2.89 43.11
C THR C 198 -11.74 -2.61 41.59
N TYR C 199 -10.54 -2.79 41.02
CA TYR C 199 -10.33 -2.57 39.60
C TYR C 199 -9.81 -3.81 38.90
N ILE C 200 -10.60 -4.34 37.95
CA ILE C 200 -10.27 -5.55 37.18
C ILE C 200 -10.41 -5.30 35.69
N CYS C 201 -9.37 -5.62 34.91
CA CYS C 201 -9.41 -5.48 33.46
C CYS C 201 -9.75 -6.85 32.86
N ASN C 202 -10.81 -6.90 32.06
CA ASN C 202 -11.24 -8.13 31.44
C ASN C 202 -10.71 -8.16 30.02
N VAL C 203 -9.66 -8.95 29.83
CA VAL C 203 -8.94 -9.13 28.57
C VAL C 203 -9.47 -10.38 27.87
N ASN C 204 -9.79 -10.25 26.57
CA ASN C 204 -10.28 -11.37 25.76
C ASN C 204 -9.59 -11.39 24.39
N HIS C 205 -8.88 -12.48 24.09
CA HIS C 205 -8.22 -12.72 22.82
C HIS C 205 -8.87 -13.97 22.24
N LYS C 206 -9.97 -13.77 21.50
CA LYS C 206 -10.79 -14.82 20.87
C LYS C 206 -10.00 -15.76 19.92
N PRO C 207 -8.98 -15.33 19.11
CA PRO C 207 -8.26 -16.30 18.27
C PRO C 207 -7.61 -17.47 19.01
N SER C 208 -7.11 -17.23 20.24
CA SER C 208 -6.46 -18.23 21.10
C SER C 208 -7.36 -18.72 22.26
N ASN C 209 -8.61 -18.19 22.34
CA ASN C 209 -9.61 -18.47 23.39
C ASN C 209 -9.12 -18.05 24.79
N THR C 210 -8.26 -17.00 24.86
CA THR C 210 -7.72 -16.46 26.11
C THR C 210 -8.69 -15.45 26.71
N LYS C 211 -9.16 -15.72 27.94
CA LYS C 211 -10.06 -14.84 28.70
C LYS C 211 -9.41 -14.63 30.08
N VAL C 212 -8.79 -13.46 30.31
CA VAL C 212 -8.07 -13.11 31.54
C VAL C 212 -8.75 -11.95 32.30
N ASP C 213 -8.96 -12.12 33.63
CA ASP C 213 -9.51 -11.07 34.49
C ASP C 213 -8.43 -10.67 35.49
N LYS C 214 -7.63 -9.64 35.17
CA LYS C 214 -6.56 -9.19 36.06
C LYS C 214 -6.97 -8.11 37.05
N ARG C 215 -6.76 -8.37 38.35
CA ARG C 215 -7.06 -7.42 39.42
C ARG C 215 -5.88 -6.45 39.52
N VAL C 216 -6.15 -5.15 39.41
CA VAL C 216 -5.14 -4.08 39.47
C VAL C 216 -5.26 -3.41 40.83
N GLU C 217 -4.28 -3.69 41.69
CA GLU C 217 -4.20 -3.22 43.06
C GLU C 217 -3.04 -2.24 43.25
N PRO C 218 -3.14 -1.25 44.17
CA PRO C 218 -1.99 -0.38 44.44
C PRO C 218 -0.95 -1.22 45.17
N LYS C 219 0.33 -1.16 44.74
CA LYS C 219 1.41 -1.98 45.32
C LYS C 219 1.67 -1.72 46.81
N SER C 220 1.77 -2.80 47.60
CA SER C 220 2.06 -2.79 49.03
C SER C 220 3.56 -3.04 49.23
N CYS C 221 4.31 -1.98 49.57
CA CYS C 221 5.76 -2.00 49.75
C CYS C 221 6.17 -1.24 51.02
N ASP D 1 -10.37 0.08 -13.79
CA ASP D 1 -11.41 0.71 -12.97
C ASP D 1 -11.24 2.21 -12.90
N ILE D 2 -12.36 2.91 -12.61
CA ILE D 2 -12.39 4.35 -12.38
C ILE D 2 -11.78 4.53 -10.99
N GLN D 3 -10.79 5.41 -10.89
CA GLN D 3 -10.09 5.70 -9.64
C GLN D 3 -10.59 7.00 -9.10
N MET D 4 -10.93 7.01 -7.80
CA MET D 4 -11.45 8.20 -7.13
C MET D 4 -10.38 8.71 -6.23
N THR D 5 -10.08 10.00 -6.30
CA THR D 5 -9.02 10.61 -5.49
C THR D 5 -9.58 11.77 -4.69
N GLN D 6 -9.42 11.72 -3.37
CA GLN D 6 -9.90 12.77 -2.49
C GLN D 6 -8.79 13.70 -2.05
N SER D 7 -9.12 14.96 -1.83
CA SER D 7 -8.19 15.95 -1.32
C SER D 7 -8.83 16.87 -0.26
N PRO D 8 -8.14 17.10 0.89
CA PRO D 8 -6.83 16.52 1.27
C PRO D 8 -7.05 15.10 1.83
N SER D 9 -6.00 14.33 2.16
CA SER D 9 -6.18 12.98 2.74
C SER D 9 -6.51 13.09 4.23
N SER D 10 -6.15 14.23 4.82
CA SER D 10 -6.39 14.54 6.21
C SER D 10 -6.60 16.03 6.35
N LEU D 11 -7.45 16.45 7.27
CA LEU D 11 -7.69 17.85 7.53
C LEU D 11 -8.03 18.10 8.99
N SER D 12 -7.66 19.28 9.47
CA SER D 12 -7.89 19.76 10.82
C SER D 12 -8.63 21.06 10.67
N ALA D 13 -9.82 21.14 11.28
CA ALA D 13 -10.64 22.34 11.17
C ALA D 13 -11.26 22.73 12.51
N SER D 14 -11.66 24.03 12.65
CA SER D 14 -12.25 24.52 13.90
C SER D 14 -13.75 24.44 13.82
N VAL D 15 -14.42 24.44 14.98
CA VAL D 15 -15.88 24.48 15.07
C VAL D 15 -16.30 25.84 14.44
N GLY D 16 -17.21 25.81 13.49
CA GLY D 16 -17.74 27.02 12.84
C GLY D 16 -17.17 27.32 11.47
N ASP D 17 -16.14 26.60 11.09
CA ASP D 17 -15.46 26.67 9.80
C ASP D 17 -16.27 26.06 8.70
N ARG D 18 -16.20 26.65 7.50
CA ARG D 18 -16.84 26.07 6.32
C ARG D 18 -15.76 25.14 5.74
N VAL D 19 -15.98 23.82 5.80
CA VAL D 19 -14.99 22.91 5.29
C VAL D 19 -15.45 22.26 3.99
N THR D 20 -14.50 22.01 3.11
CA THR D 20 -14.72 21.39 1.81
C THR D 20 -13.80 20.18 1.63
N ILE D 21 -14.37 19.06 1.14
CA ILE D 21 -13.64 17.83 0.80
C ILE D 21 -13.89 17.60 -0.69
N THR D 22 -12.80 17.47 -1.42
CA THR D 22 -12.80 17.30 -2.87
C THR D 22 -12.72 15.84 -3.23
N CYS D 23 -13.38 15.47 -4.33
CA CYS D 23 -13.35 14.12 -4.88
C CYS D 23 -13.14 14.28 -6.39
N ARG D 24 -12.05 13.70 -6.92
CA ARG D 24 -11.76 13.71 -8.36
C ARG D 24 -11.84 12.29 -8.92
N ALA D 25 -12.53 12.14 -10.07
CA ALA D 25 -12.67 10.86 -10.77
C ALA D 25 -11.62 10.74 -11.93
N SER D 26 -11.06 9.53 -12.18
CA SER D 26 -10.07 9.31 -13.25
C SER D 26 -10.66 9.49 -14.66
N GLN D 27 -12.00 9.38 -14.78
CA GLN D 27 -12.78 9.68 -15.97
C GLN D 27 -14.06 10.34 -15.57
N SER D 28 -14.71 11.01 -16.52
CA SER D 28 -15.97 11.71 -16.30
C SER D 28 -17.04 10.72 -15.85
N ILE D 29 -17.77 11.13 -14.81
CA ILE D 29 -18.84 10.31 -14.26
C ILE D 29 -20.12 11.14 -14.26
N SER D 30 -21.26 10.47 -14.38
CA SER D 30 -22.54 11.15 -14.46
C SER D 30 -22.92 11.84 -13.15
N SER D 31 -23.75 11.21 -12.33
CA SER D 31 -24.17 11.87 -11.09
C SER D 31 -24.39 10.92 -9.94
N TYR D 32 -23.93 9.71 -10.07
CA TYR D 32 -24.05 8.70 -9.02
C TYR D 32 -22.76 8.70 -8.24
N LEU D 33 -22.63 9.75 -7.45
CA LEU D 33 -21.48 10.06 -6.61
C LEU D 33 -22.05 10.27 -5.23
N ASN D 34 -21.67 9.38 -4.31
CA ASN D 34 -22.22 9.33 -2.97
C ASN D 34 -21.16 9.60 -1.91
N TRP D 35 -21.58 10.12 -0.73
CA TRP D 35 -20.68 10.49 0.36
C TRP D 35 -20.98 9.75 1.65
N TYR D 36 -19.92 9.30 2.32
CA TYR D 36 -20.04 8.53 3.56
C TYR D 36 -19.28 9.17 4.67
N GLN D 37 -19.80 8.96 5.87
CA GLN D 37 -19.14 9.38 7.09
C GLN D 37 -18.79 8.10 7.89
N GLN D 38 -17.50 7.87 8.18
CA GLN D 38 -17.09 6.72 8.98
C GLN D 38 -16.33 7.20 10.21
N LYS D 39 -16.94 7.03 11.38
CA LYS D 39 -16.30 7.34 12.64
C LYS D 39 -15.40 6.15 13.07
N PRO D 40 -14.28 6.37 13.82
CA PRO D 40 -13.40 5.25 14.20
C PRO D 40 -14.12 4.11 14.90
N GLY D 41 -13.85 2.88 14.46
CA GLY D 41 -14.43 1.63 14.97
C GLY D 41 -15.88 1.40 14.59
N LYS D 42 -16.42 2.23 13.68
CA LYS D 42 -17.81 2.12 13.23
C LYS D 42 -17.87 1.86 11.75
N ALA D 43 -19.03 1.43 11.30
CA ALA D 43 -19.29 1.19 9.90
C ALA D 43 -19.60 2.55 9.23
N PRO D 44 -19.38 2.68 7.89
CA PRO D 44 -19.77 3.95 7.20
C PRO D 44 -21.28 4.24 7.32
N LYS D 45 -21.63 5.52 7.27
CA LYS D 45 -23.01 5.99 7.27
C LYS D 45 -23.16 6.80 5.98
N LEU D 46 -24.21 6.55 5.19
CA LEU D 46 -24.48 7.29 3.95
C LEU D 46 -25.02 8.69 4.26
N LEU D 47 -24.35 9.74 3.78
CA LEU D 47 -24.79 11.10 4.04
C LEU D 47 -25.50 11.72 2.85
N ILE D 48 -24.86 11.61 1.68
CA ILE D 48 -25.29 12.27 0.43
C ILE D 48 -25.33 11.22 -0.65
N TYR D 49 -26.46 11.19 -1.36
CA TYR D 49 -26.74 10.27 -2.45
C TYR D 49 -26.87 11.04 -3.76
N ALA D 50 -26.31 10.48 -4.84
CA ALA D 50 -26.39 11.04 -6.19
C ALA D 50 -26.05 12.53 -6.25
N VAL D 51 -24.86 12.85 -5.75
CA VAL D 51 -24.21 14.19 -5.71
C VAL D 51 -24.73 15.10 -4.58
N SER D 52 -26.06 15.22 -4.46
CA SER D 52 -26.69 16.22 -3.62
C SER D 52 -27.89 15.81 -2.78
N THR D 53 -28.39 14.56 -2.86
CA THR D 53 -29.56 14.15 -2.06
C THR D 53 -29.19 13.90 -0.63
N LEU D 54 -29.69 14.77 0.26
CA LEU D 54 -29.46 14.68 1.70
C LEU D 54 -30.26 13.50 2.29
N GLN D 55 -29.62 12.70 3.12
CA GLN D 55 -30.29 11.55 3.73
C GLN D 55 -31.04 11.94 5.01
N SER D 56 -32.00 11.10 5.42
CA SER D 56 -32.82 11.29 6.60
C SER D 56 -31.92 11.36 7.85
N GLY D 57 -32.15 12.39 8.66
CA GLY D 57 -31.42 12.66 9.90
C GLY D 57 -30.03 13.21 9.71
N VAL D 58 -29.72 13.65 8.49
CA VAL D 58 -28.41 14.22 8.19
C VAL D 58 -28.58 15.74 8.26
N PRO D 59 -27.77 16.43 9.10
CA PRO D 59 -27.93 17.87 9.23
C PRO D 59 -27.70 18.57 7.90
N SER D 60 -28.49 19.60 7.64
CA SER D 60 -28.47 20.39 6.43
C SER D 60 -27.18 21.20 6.24
N ARG D 61 -26.31 21.24 7.24
CA ARG D 61 -25.01 21.87 7.09
C ARG D 61 -24.15 20.99 6.12
N PHE D 62 -24.57 19.73 5.88
CA PHE D 62 -23.92 18.86 4.91
C PHE D 62 -24.53 19.10 3.54
N SER D 63 -23.70 19.23 2.50
CA SER D 63 -24.20 19.39 1.14
C SER D 63 -23.17 18.95 0.15
N GLY D 64 -23.63 18.53 -1.01
CA GLY D 64 -22.77 18.07 -2.08
C GLY D 64 -23.03 18.78 -3.38
N SER D 65 -22.00 18.87 -4.22
CA SER D 65 -22.08 19.47 -5.54
C SER D 65 -21.03 18.84 -6.39
N GLY D 66 -20.97 19.24 -7.65
CA GLY D 66 -20.01 18.81 -8.63
C GLY D 66 -20.56 18.06 -9.83
N SER D 67 -19.71 17.93 -10.86
CA SER D 67 -20.03 17.20 -12.09
C SER D 67 -18.74 16.84 -12.83
N GLY D 68 -18.87 16.02 -13.86
CA GLY D 68 -17.77 15.58 -14.71
C GLY D 68 -16.81 14.70 -13.95
N THR D 69 -15.69 15.29 -13.58
CA THR D 69 -14.65 14.63 -12.81
C THR D 69 -14.47 15.22 -11.40
N ASP D 70 -15.06 16.39 -11.05
CA ASP D 70 -14.82 17.04 -9.75
C ASP D 70 -16.08 17.23 -8.92
N PHE D 71 -16.02 16.76 -7.67
CA PHE D 71 -17.13 16.71 -6.72
C PHE D 71 -16.73 17.24 -5.40
N THR D 72 -17.70 17.82 -4.67
CA THR D 72 -17.39 18.39 -3.39
C THR D 72 -18.42 18.06 -2.32
N LEU D 73 -17.94 17.87 -1.09
CA LEU D 73 -18.75 17.74 0.09
C LEU D 73 -18.42 18.98 0.93
N THR D 74 -19.44 19.78 1.28
CA THR D 74 -19.27 20.98 2.07
C THR D 74 -19.96 20.89 3.41
N ILE D 75 -19.25 21.29 4.48
CA ILE D 75 -19.82 21.37 5.83
C ILE D 75 -19.81 22.86 6.11
N SER D 76 -20.97 23.49 5.98
CA SER D 76 -21.15 24.94 6.05
C SER D 76 -20.63 25.60 7.34
N SER D 77 -20.70 24.86 8.48
CA SER D 77 -20.30 25.25 9.84
C SER D 77 -19.97 23.98 10.57
N LEU D 78 -18.68 23.66 10.71
CA LEU D 78 -18.22 22.43 11.36
C LEU D 78 -18.66 22.34 12.82
N GLN D 79 -19.07 21.14 13.23
CA GLN D 79 -19.50 20.85 14.60
C GLN D 79 -18.59 19.77 15.21
N PRO D 80 -18.45 19.68 16.56
CA PRO D 80 -17.53 18.67 17.13
C PRO D 80 -17.81 17.23 16.71
N GLU D 81 -19.10 16.88 16.53
CA GLU D 81 -19.61 15.56 16.13
C GLU D 81 -19.32 15.22 14.67
N ASP D 82 -18.81 16.19 13.89
CA ASP D 82 -18.44 15.94 12.49
C ASP D 82 -17.10 15.22 12.34
N PHE D 83 -16.36 14.92 13.43
CA PHE D 83 -15.10 14.18 13.28
C PHE D 83 -15.40 12.79 12.67
N ALA D 84 -14.66 12.41 11.62
CA ALA D 84 -14.83 11.12 10.93
C ALA D 84 -13.92 11.07 9.71
N THR D 85 -13.84 9.90 9.04
CA THR D 85 -13.16 9.94 7.76
C THR D 85 -14.33 9.86 6.74
N TYR D 86 -14.23 10.69 5.72
CA TYR D 86 -15.23 10.84 4.70
C TYR D 86 -14.79 10.17 3.43
N TYR D 87 -15.73 9.48 2.78
CA TYR D 87 -15.43 8.77 1.54
C TYR D 87 -16.40 9.17 0.47
N CYS D 88 -15.89 9.30 -0.77
CA CYS D 88 -16.77 9.51 -1.90
C CYS D 88 -16.82 8.17 -2.62
N GLN D 89 -17.89 7.90 -3.35
CA GLN D 89 -18.03 6.66 -4.07
C GLN D 89 -18.68 6.90 -5.43
N GLN D 90 -18.13 6.30 -6.49
CA GLN D 90 -18.81 6.41 -7.77
C GLN D 90 -19.63 5.13 -7.96
N SER D 91 -20.91 5.23 -8.35
CA SER D 91 -21.72 4.02 -8.55
C SER D 91 -22.56 4.04 -9.83
N GLY D 92 -22.12 4.83 -10.82
CA GLY D 92 -22.84 5.01 -12.08
C GLY D 92 -22.52 4.08 -13.24
N THR D 93 -21.51 3.21 -13.11
CA THR D 93 -21.12 2.26 -14.21
C THR D 93 -20.89 0.90 -13.57
N PHE D 94 -21.88 0.49 -12.78
CA PHE D 94 -21.80 -0.67 -11.95
C PHE D 94 -22.12 -2.00 -12.66
N PRO D 95 -21.44 -3.12 -12.33
CA PRO D 95 -20.25 -3.29 -11.46
C PRO D 95 -18.92 -2.95 -12.18
N PRO D 96 -17.85 -2.57 -11.45
CA PRO D 96 -17.76 -2.41 -9.99
C PRO D 96 -18.21 -1.02 -9.50
N THR D 97 -18.07 -0.79 -8.18
CA THR D 97 -18.23 0.54 -7.57
C THR D 97 -16.90 0.85 -6.89
N THR D 98 -16.40 2.09 -7.02
CA THR D 98 -15.11 2.42 -6.41
C THR D 98 -15.25 3.62 -5.48
N PHE D 99 -14.45 3.60 -4.43
CA PHE D 99 -14.43 4.61 -3.39
C PHE D 99 -13.15 5.41 -3.46
N GLY D 100 -13.22 6.62 -2.91
CA GLY D 100 -12.07 7.49 -2.72
C GLY D 100 -11.24 6.90 -1.60
N GLN D 101 -10.02 7.40 -1.38
CA GLN D 101 -9.15 6.84 -0.35
C GLN D 101 -9.52 7.29 1.08
N GLY D 102 -10.40 8.28 1.22
CA GLY D 102 -10.81 8.79 2.53
C GLY D 102 -10.11 10.07 2.92
N THR D 103 -10.85 10.92 3.64
CA THR D 103 -10.36 12.18 4.20
C THR D 103 -10.69 12.20 5.67
N LYS D 104 -9.67 12.08 6.54
CA LYS D 104 -9.86 12.11 7.98
C LYS D 104 -10.02 13.55 8.43
N VAL D 105 -11.13 13.84 9.10
CA VAL D 105 -11.42 15.18 9.63
C VAL D 105 -11.20 15.21 11.15
N GLU D 106 -10.21 15.97 11.58
CA GLU D 106 -9.93 16.17 12.99
C GLU D 106 -10.36 17.56 13.46
N ILE D 107 -10.82 17.66 14.73
CA ILE D 107 -11.32 18.92 15.29
C ILE D 107 -10.24 19.70 16.05
N LYS D 108 -9.99 20.96 15.64
CA LYS D 108 -9.07 21.87 16.34
C LYS D 108 -9.75 22.27 17.66
N ARG D 109 -8.99 22.26 18.72
CA ARG D 109 -9.36 22.41 20.12
C ARG D 109 -8.35 23.43 20.76
N THR D 110 -8.60 23.85 22.01
CA THR D 110 -7.63 24.70 22.72
C THR D 110 -6.55 23.77 23.26
N VAL D 111 -5.41 24.34 23.61
CA VAL D 111 -4.31 23.59 24.18
C VAL D 111 -4.71 23.03 25.56
N ALA D 112 -4.44 21.74 25.76
CA ALA D 112 -4.64 21.02 27.00
C ALA D 112 -3.34 20.28 27.25
N ALA D 113 -2.72 20.52 28.41
CA ALA D 113 -1.47 19.90 28.79
C ALA D 113 -1.75 18.49 29.28
N PRO D 114 -0.84 17.51 29.02
CA PRO D 114 -1.13 16.14 29.48
C PRO D 114 -0.88 15.88 30.95
N SER D 115 -1.69 14.99 31.51
CA SER D 115 -1.49 14.48 32.85
C SER D 115 -0.50 13.33 32.60
N VAL D 116 0.64 13.36 33.29
CA VAL D 116 1.69 12.35 33.09
C VAL D 116 1.73 11.38 34.26
N PHE D 117 1.75 10.08 33.96
CA PHE D 117 1.83 8.96 34.93
C PHE D 117 2.89 7.98 34.45
N ILE D 118 3.66 7.40 35.41
CA ILE D 118 4.68 6.39 35.16
C ILE D 118 4.31 5.10 35.91
N PHE D 119 4.45 3.96 35.24
CA PHE D 119 4.14 2.64 35.79
C PHE D 119 5.38 1.75 35.81
N PRO D 120 5.78 1.25 36.99
CA PRO D 120 6.95 0.35 37.02
C PRO D 120 6.52 -1.03 36.52
N PRO D 121 7.48 -1.88 36.08
CA PRO D 121 7.11 -3.26 35.67
C PRO D 121 6.48 -4.01 36.84
N SER D 122 5.54 -4.90 36.54
CA SER D 122 4.92 -5.69 37.60
C SER D 122 5.91 -6.78 38.08
N ASP D 123 5.67 -7.34 39.27
CA ASP D 123 6.50 -8.41 39.80
C ASP D 123 6.26 -9.71 39.01
N GLU D 124 5.01 -9.90 38.51
CA GLU D 124 4.57 -11.04 37.68
C GLU D 124 5.38 -11.09 36.40
N GLN D 125 5.64 -9.92 35.80
CA GLN D 125 6.42 -9.78 34.57
C GLN D 125 7.90 -9.97 34.84
N LEU D 126 8.41 -9.41 35.96
CA LEU D 126 9.83 -9.53 36.33
C LEU D 126 10.26 -11.00 36.53
N LYS D 127 9.34 -11.83 37.06
CA LYS D 127 9.48 -13.27 37.29
C LYS D 127 9.64 -14.07 35.96
N SER D 128 9.52 -13.39 34.80
CA SER D 128 9.64 -13.99 33.48
C SER D 128 10.86 -13.50 32.66
N GLY D 129 11.65 -12.55 33.22
CA GLY D 129 12.85 -12.04 32.57
C GLY D 129 12.78 -10.73 31.80
N THR D 130 11.57 -10.14 31.67
CA THR D 130 11.37 -8.87 30.96
C THR D 130 10.82 -7.80 31.88
N ALA D 131 11.18 -6.55 31.62
CA ALA D 131 10.72 -5.37 32.34
C ALA D 131 10.17 -4.32 31.35
N SER D 132 8.85 -4.10 31.40
CA SER D 132 8.15 -3.09 30.59
C SER D 132 7.75 -1.93 31.50
N VAL D 133 8.30 -0.74 31.21
CA VAL D 133 8.03 0.50 31.97
C VAL D 133 7.11 1.31 31.07
N VAL D 134 5.92 1.64 31.58
CA VAL D 134 4.90 2.36 30.83
C VAL D 134 4.75 3.80 31.30
N CYS D 135 4.71 4.72 30.35
CA CYS D 135 4.43 6.11 30.59
C CYS D 135 3.13 6.52 29.88
N LEU D 136 2.21 7.11 30.65
CA LEU D 136 0.92 7.60 30.17
C LEU D 136 0.87 9.12 30.13
N LEU D 137 0.44 9.66 28.99
CA LEU D 137 0.18 11.08 28.73
C LEU D 137 -1.32 11.08 28.50
N ASN D 138 -2.08 11.62 29.43
CA ASN D 138 -3.52 11.57 29.29
C ASN D 138 -4.11 12.89 28.91
N ASN D 139 -5.15 12.86 28.06
CA ASN D 139 -5.98 13.97 27.59
C ASN D 139 -5.24 15.30 27.25
N PHE D 140 -4.54 15.32 26.13
CA PHE D 140 -3.80 16.51 25.69
C PHE D 140 -4.09 16.89 24.27
N TYR D 141 -3.78 18.13 23.94
CA TYR D 141 -3.96 18.68 22.61
C TYR D 141 -2.99 19.84 22.47
N PRO D 142 -2.28 19.98 21.31
CA PRO D 142 -2.29 19.11 20.13
C PRO D 142 -1.60 17.76 20.33
N ARG D 143 -1.78 16.84 19.34
CA ARG D 143 -1.22 15.48 19.28
C ARG D 143 0.32 15.46 19.48
N GLU D 144 1.03 16.51 19.02
CA GLU D 144 2.47 16.67 19.15
C GLU D 144 2.93 16.70 20.61
N ALA D 145 3.70 15.68 20.99
CA ALA D 145 4.28 15.50 22.32
C ALA D 145 5.64 14.82 22.16
N LYS D 146 6.59 15.19 23.03
CA LYS D 146 7.94 14.62 23.04
C LYS D 146 8.10 13.85 24.35
N VAL D 147 8.26 12.53 24.25
CA VAL D 147 8.47 11.66 25.40
C VAL D 147 9.91 11.19 25.36
N GLN D 148 10.64 11.42 26.46
CA GLN D 148 12.04 11.00 26.62
C GLN D 148 12.15 10.11 27.83
N TRP D 149 12.72 8.92 27.64
CA TRP D 149 13.00 7.99 28.72
C TRP D 149 14.42 8.26 29.19
N LYS D 150 14.60 8.32 30.51
CA LYS D 150 15.88 8.53 31.17
C LYS D 150 16.03 7.49 32.27
N VAL D 151 17.14 6.74 32.23
CA VAL D 151 17.50 5.73 33.20
C VAL D 151 18.79 6.28 33.85
N ASP D 152 18.69 6.66 35.14
CA ASP D 152 19.76 7.29 35.95
C ASP D 152 20.26 8.58 35.28
N ASN D 153 19.29 9.32 34.69
CA ASN D 153 19.39 10.60 33.97
C ASN D 153 20.05 10.50 32.59
N ALA D 154 20.28 9.28 32.10
CA ALA D 154 20.85 9.06 30.77
C ALA D 154 19.70 8.78 29.78
N LEU D 155 19.58 9.64 28.76
CA LEU D 155 18.56 9.55 27.72
C LEU D 155 18.62 8.21 26.97
N GLN D 156 17.48 7.52 26.86
CA GLN D 156 17.31 6.25 26.17
C GLN D 156 16.92 6.49 24.71
N SER D 157 17.22 5.51 23.82
CA SER D 157 16.85 5.53 22.39
C SER D 157 16.78 4.13 21.83
N GLY D 158 15.74 3.89 21.04
CA GLY D 158 15.49 2.62 20.36
C GLY D 158 14.84 1.53 21.18
N ASN D 159 14.68 1.74 22.50
CA ASN D 159 14.09 0.72 23.39
C ASN D 159 12.64 1.02 23.78
N SER D 160 12.05 2.08 23.18
CA SER D 160 10.66 2.46 23.42
C SER D 160 9.77 2.46 22.15
N GLN D 161 8.46 2.24 22.36
CA GLN D 161 7.43 2.31 21.33
C GLN D 161 6.25 3.15 21.87
N GLU D 162 5.84 4.18 21.10
CA GLU D 162 4.69 5.03 21.42
C GLU D 162 3.45 4.49 20.68
N SER D 163 2.27 4.77 21.22
CA SER D 163 0.94 4.45 20.67
C SER D 163 -0.01 5.58 21.13
N VAL D 164 -0.83 6.11 20.20
CA VAL D 164 -1.74 7.24 20.42
C VAL D 164 -3.18 6.84 20.11
N THR D 165 -4.15 7.31 20.92
CA THR D 165 -5.57 7.05 20.69
C THR D 165 -6.15 7.98 19.60
N GLU D 166 -7.34 7.60 19.06
CA GLU D 166 -8.12 8.45 18.16
C GLU D 166 -8.64 9.63 19.03
N GLN D 167 -8.88 10.79 18.41
CA GLN D 167 -9.39 11.96 19.10
C GLN D 167 -10.63 11.60 19.93
N ASP D 168 -10.64 12.04 21.20
CA ASP D 168 -11.77 11.80 22.08
C ASP D 168 -13.03 12.44 21.51
N SER D 169 -14.16 11.69 21.57
CA SER D 169 -15.49 12.06 21.05
C SER D 169 -16.13 13.21 21.84
N LYS D 170 -15.81 13.29 23.15
CA LYS D 170 -16.33 14.30 24.05
C LYS D 170 -15.45 15.54 24.17
N ASP D 171 -14.09 15.38 24.25
CA ASP D 171 -13.26 16.57 24.46
C ASP D 171 -12.17 16.85 23.41
N SER D 172 -12.07 16.03 22.31
CA SER D 172 -11.12 16.22 21.19
C SER D 172 -9.65 16.13 21.60
N THR D 173 -9.36 15.40 22.68
CA THR D 173 -7.96 15.23 23.13
C THR D 173 -7.42 13.92 22.65
N TYR D 174 -6.09 13.78 22.76
CA TYR D 174 -5.38 12.54 22.53
C TYR D 174 -4.80 12.11 23.87
N SER D 175 -4.49 10.82 23.98
CA SER D 175 -3.80 10.15 25.07
C SER D 175 -2.74 9.31 24.34
N LEU D 176 -1.56 9.19 24.95
CA LEU D 176 -0.43 8.45 24.39
C LEU D 176 0.11 7.51 25.46
N SER D 177 0.60 6.35 25.02
CA SER D 177 1.21 5.31 25.82
C SER D 177 2.58 5.01 25.23
N SER D 178 3.64 5.22 26.03
CA SER D 178 5.02 4.92 25.65
C SER D 178 5.53 3.77 26.55
N THR D 179 6.12 2.72 25.95
CA THR D 179 6.65 1.57 26.67
C THR D 179 8.14 1.43 26.46
N LEU D 180 8.91 1.40 27.56
CA LEU D 180 10.36 1.19 27.59
C LEU D 180 10.56 -0.29 27.93
N THR D 181 11.14 -1.05 27.00
CA THR D 181 11.37 -2.49 27.23
C THR D 181 12.85 -2.72 27.53
N LEU D 182 13.09 -3.46 28.63
CA LEU D 182 14.40 -3.82 29.17
C LEU D 182 14.37 -5.27 29.68
N SER D 183 15.55 -5.91 29.73
CA SER D 183 15.71 -7.25 30.31
C SER D 183 15.67 -7.05 31.83
N LYS D 184 15.28 -8.08 32.60
CA LYS D 184 15.22 -8.02 34.06
C LYS D 184 16.60 -7.61 34.60
N ALA D 185 17.67 -8.15 33.98
CA ALA D 185 19.09 -7.92 34.29
C ALA D 185 19.49 -6.46 34.17
N ASP D 186 19.11 -5.79 33.06
CA ASP D 186 19.41 -4.37 32.84
C ASP D 186 18.59 -3.51 33.76
N TYR D 187 17.36 -3.95 34.06
CA TYR D 187 16.44 -3.24 34.95
C TYR D 187 16.98 -3.25 36.39
N GLU D 188 17.51 -4.42 36.85
CA GLU D 188 18.10 -4.54 38.19
C GLU D 188 19.41 -3.73 38.34
N LYS D 189 20.05 -3.33 37.21
CA LYS D 189 21.30 -2.56 37.15
C LYS D 189 21.15 -1.08 37.49
N HIS D 190 19.93 -0.51 37.34
CA HIS D 190 19.73 0.93 37.55
C HIS D 190 18.65 1.24 38.58
N LYS D 191 18.63 2.49 39.10
CA LYS D 191 17.68 2.86 40.14
C LYS D 191 16.53 3.79 39.72
N VAL D 192 16.80 4.97 39.14
CA VAL D 192 15.71 5.90 38.78
C VAL D 192 15.35 5.83 37.28
N TYR D 193 14.05 5.54 37.07
CA TYR D 193 13.36 5.40 35.80
C TYR D 193 12.43 6.58 35.65
N ALA D 194 12.82 7.51 34.76
CA ALA D 194 12.11 8.74 34.48
C ALA D 194 11.50 8.82 33.07
N CYS D 195 10.32 9.46 32.98
CA CYS D 195 9.60 9.75 31.76
C CYS D 195 9.45 11.26 31.70
N GLU D 196 10.17 11.93 30.78
CA GLU D 196 10.15 13.39 30.60
C GLU D 196 9.30 13.78 29.35
N VAL D 197 8.26 14.61 29.59
CA VAL D 197 7.26 15.04 28.62
C VAL D 197 7.38 16.52 28.25
N THR D 198 7.62 16.81 26.97
CA THR D 198 7.61 18.16 26.42
C THR D 198 6.30 18.26 25.63
N HIS D 199 5.55 19.35 25.86
CA HIS D 199 4.27 19.63 25.23
C HIS D 199 4.00 21.12 25.29
N GLN D 200 3.31 21.64 24.25
CA GLN D 200 2.89 23.03 24.10
C GLN D 200 2.15 23.59 25.36
N GLY D 201 1.42 22.72 26.07
CA GLY D 201 0.66 23.05 27.28
C GLY D 201 1.47 23.17 28.55
N LEU D 202 2.74 22.78 28.51
CA LEU D 202 3.66 22.80 29.65
C LEU D 202 4.71 23.92 29.48
N SER D 203 4.80 24.85 30.46
CA SER D 203 5.77 25.97 30.48
C SER D 203 7.22 25.42 30.38
N SER D 204 7.46 24.26 31.01
CA SER D 204 8.74 23.55 31.03
C SER D 204 8.43 22.03 31.07
N PRO D 205 9.37 21.15 30.63
CA PRO D 205 9.09 19.71 30.67
C PRO D 205 8.63 19.16 32.01
N VAL D 206 7.79 18.14 31.96
CA VAL D 206 7.27 17.48 33.15
C VAL D 206 7.91 16.08 33.22
N THR D 207 8.53 15.77 34.35
CA THR D 207 9.19 14.50 34.59
C THR D 207 8.44 13.75 35.66
N LYS D 208 8.17 12.49 35.38
CA LYS D 208 7.54 11.57 36.31
C LYS D 208 8.54 10.48 36.45
N SER D 209 8.81 10.05 37.69
CA SER D 209 9.80 9.01 37.96
C SER D 209 9.50 8.16 39.17
N PHE D 210 10.27 7.08 39.30
CA PHE D 210 10.22 6.15 40.43
C PHE D 210 11.63 5.55 40.60
N ASN D 211 11.94 5.11 41.84
CA ASN D 211 13.18 4.43 42.15
C ASN D 211 12.80 2.97 42.25
N ARG D 212 13.52 2.08 41.54
CA ARG D 212 13.25 0.64 41.54
C ARG D 212 13.30 0.09 42.97
N GLY D 213 12.29 -0.70 43.31
CA GLY D 213 12.14 -1.33 44.61
C GLY D 213 11.33 -0.49 45.59
N GLU D 214 11.92 0.63 46.04
CA GLU D 214 11.30 1.52 47.02
C GLU D 214 10.06 2.27 46.46
N CYS D 215 9.11 2.58 47.36
CA CYS D 215 7.88 3.30 47.06
C CYS D 215 7.66 4.50 48.00
N THR E 5 -14.80 15.26 -29.67
CA THR E 5 -14.46 15.94 -28.40
C THR E 5 -13.83 17.34 -28.62
N PHE E 6 -13.50 18.06 -27.50
CA PHE E 6 -12.92 19.40 -27.53
C PHE E 6 -11.88 19.68 -26.44
N VAL E 7 -11.06 20.72 -26.66
CA VAL E 7 -10.07 21.27 -25.74
C VAL E 7 -10.29 22.80 -25.64
N CYS E 8 -10.16 23.35 -24.44
CA CYS E 8 -10.29 24.77 -24.21
C CYS E 8 -9.03 25.49 -24.64
N GLU E 9 -9.13 26.79 -24.92
CA GLU E 9 -8.00 27.61 -25.36
C GLU E 9 -6.99 27.81 -24.24
N LYS E 10 -7.49 28.08 -23.02
CA LYS E 10 -6.68 28.34 -21.84
C LYS E 10 -6.32 27.06 -21.06
N ALA E 11 -6.52 25.88 -21.70
CA ALA E 11 -6.20 24.58 -21.11
C ALA E 11 -4.71 24.45 -20.85
N LYS E 12 -4.34 24.01 -19.66
CA LYS E 12 -2.96 23.80 -19.26
C LYS E 12 -2.57 22.35 -19.59
N ALA E 13 -1.25 22.00 -19.51
CA ALA E 13 -0.75 20.64 -19.81
C ALA E 13 -1.26 19.62 -18.80
N ASP E 14 -1.22 18.32 -19.16
CA ASP E 14 -1.65 17.19 -18.29
C ASP E 14 -3.12 17.32 -17.80
N GLN E 15 -3.98 17.81 -18.69
CA GLN E 15 -5.40 17.96 -18.41
C GLN E 15 -6.14 16.88 -19.19
N LEU E 16 -6.99 16.11 -18.50
CA LEU E 16 -7.79 15.08 -19.17
C LEU E 16 -8.90 15.78 -19.94
N ILE E 17 -9.06 15.48 -21.24
CA ILE E 17 -10.11 16.09 -22.08
C ILE E 17 -11.19 15.06 -22.50
N GLN E 18 -10.80 13.77 -22.62
CA GLN E 18 -11.70 12.71 -23.06
C GLN E 18 -11.15 11.36 -22.65
N THR E 19 -12.04 10.37 -22.47
CA THR E 19 -11.76 8.96 -22.19
C THR E 19 -12.31 8.16 -23.37
N LEU E 20 -11.49 7.25 -23.89
CA LEU E 20 -11.79 6.40 -25.03
C LEU E 20 -12.08 5.02 -24.53
N HIS E 21 -13.00 4.34 -25.20
CA HIS E 21 -13.38 2.99 -24.87
C HIS E 21 -13.18 2.05 -26.08
N ALA E 22 -12.32 1.01 -25.92
CA ALA E 22 -12.03 0.02 -26.96
C ALA E 22 -13.09 -1.03 -26.86
N VAL E 23 -13.84 -1.20 -27.97
CA VAL E 23 -14.99 -2.10 -28.05
C VAL E 23 -14.76 -3.16 -29.12
N ASP E 24 -15.11 -4.41 -28.77
CA ASP E 24 -15.07 -5.57 -29.65
C ASP E 24 -16.42 -6.23 -29.50
N LYS E 25 -17.28 -6.06 -30.52
CA LYS E 25 -18.65 -6.60 -30.54
C LYS E 25 -18.62 -8.15 -30.60
N ASP E 26 -17.49 -8.70 -31.09
CA ASP E 26 -17.21 -10.11 -31.25
C ASP E 26 -16.58 -10.74 -29.99
N ASP E 27 -16.47 -9.98 -28.89
CA ASP E 27 -15.95 -10.42 -27.60
C ASP E 27 -17.07 -10.36 -26.51
N PRO E 28 -18.14 -11.21 -26.55
CA PRO E 28 -19.21 -11.10 -25.54
C PRO E 28 -18.81 -11.30 -24.09
N TYR E 29 -17.82 -12.16 -23.84
CA TYR E 29 -17.38 -12.57 -22.50
C TYR E 29 -16.18 -11.80 -21.93
N SER E 30 -15.85 -10.63 -22.51
CA SER E 30 -14.80 -9.73 -22.01
C SER E 30 -13.43 -10.43 -21.78
N GLY E 31 -13.02 -11.23 -22.76
CA GLY E 31 -11.73 -11.92 -22.68
C GLY E 31 -10.58 -11.15 -23.32
N HIS E 32 -10.88 -10.12 -24.11
CA HIS E 32 -9.86 -9.36 -24.82
C HIS E 32 -9.57 -8.00 -24.22
N GLN E 33 -8.28 -7.76 -24.01
CA GLN E 33 -7.73 -6.50 -23.51
C GLN E 33 -7.10 -5.83 -24.72
N PHE E 34 -7.26 -4.52 -24.82
CA PHE E 34 -6.73 -3.77 -25.94
C PHE E 34 -5.68 -2.78 -25.50
N SER E 35 -4.64 -2.68 -26.31
CA SER E 35 -3.54 -1.79 -26.08
C SER E 35 -3.84 -0.53 -26.90
N PHE E 36 -3.70 0.64 -26.28
CA PHE E 36 -3.92 1.92 -26.95
C PHE E 36 -2.57 2.55 -27.33
N SER E 37 -2.60 3.36 -28.39
CA SER E 37 -1.44 4.13 -28.85
C SER E 37 -1.88 5.09 -29.94
N LEU E 38 -1.02 6.07 -30.24
CA LEU E 38 -1.17 6.99 -31.36
C LEU E 38 -0.53 6.30 -32.54
N ALA E 39 -1.16 6.39 -33.72
CA ALA E 39 -0.68 5.83 -34.97
C ALA E 39 0.72 6.35 -35.28
N PRO E 40 1.55 5.56 -36.02
CA PRO E 40 2.94 5.99 -36.29
C PRO E 40 3.11 7.44 -36.73
N GLU E 41 2.23 7.93 -37.62
CA GLU E 41 2.24 9.30 -38.14
C GLU E 41 2.02 10.41 -37.06
N ALA E 42 1.42 10.06 -35.91
CA ALA E 42 1.14 11.02 -34.84
C ALA E 42 1.87 10.72 -33.52
N ALA E 43 2.57 9.57 -33.41
CA ALA E 43 3.27 9.08 -32.21
C ALA E 43 4.31 10.06 -31.61
N SER E 44 4.97 10.89 -32.43
CA SER E 44 5.90 11.88 -31.91
C SER E 44 5.43 13.31 -32.14
N GLY E 45 5.72 14.17 -31.15
CA GLY E 45 5.44 15.60 -31.16
C GLY E 45 3.99 16.00 -31.20
N SER E 46 3.10 15.24 -30.54
CA SER E 46 1.68 15.60 -30.54
C SER E 46 1.44 16.69 -29.50
N ASN E 47 0.24 17.27 -29.52
CA ASN E 47 -0.18 18.27 -28.56
C ASN E 47 -1.08 17.59 -27.55
N PHE E 48 -1.20 16.26 -27.68
CA PHE E 48 -1.97 15.41 -26.80
C PHE E 48 -1.19 14.15 -26.45
N THR E 49 -1.48 13.60 -25.27
CA THR E 49 -0.87 12.40 -24.74
C THR E 49 -1.99 11.36 -24.55
N ILE E 50 -1.73 10.11 -24.94
CA ILE E 50 -2.64 8.98 -24.69
C ILE E 50 -2.09 8.28 -23.43
N GLN E 51 -2.95 8.05 -22.45
CA GLN E 51 -2.62 7.29 -21.24
C GLN E 51 -3.49 6.06 -21.28
N ASP E 52 -2.90 4.87 -21.50
CA ASP E 52 -3.65 3.60 -21.51
C ASP E 52 -3.97 3.24 -20.05
N ASN E 53 -5.28 3.20 -19.67
CA ASN E 53 -5.70 2.83 -18.31
C ASN E 53 -5.65 1.32 -18.05
N LYS E 54 -5.34 0.53 -19.10
CA LYS E 54 -5.12 -0.92 -19.06
C LYS E 54 -6.38 -1.73 -18.76
N ASP E 55 -7.58 -1.15 -19.03
CA ASP E 55 -8.91 -1.76 -18.77
C ASP E 55 -9.85 -1.45 -19.93
N ASN E 56 -9.27 -1.32 -21.14
CA ASN E 56 -9.97 -1.01 -22.39
C ASN E 56 -10.42 0.44 -22.49
N THR E 57 -9.90 1.30 -21.59
CA THR E 57 -10.14 2.74 -21.61
C THR E 57 -8.76 3.43 -21.66
N ALA E 58 -8.73 4.61 -22.25
CA ALA E 58 -7.52 5.40 -22.29
C ALA E 58 -7.93 6.86 -22.14
N GLY E 59 -7.07 7.67 -21.56
CA GLY E 59 -7.32 9.10 -21.44
C GLY E 59 -6.59 9.90 -22.51
N ILE E 60 -7.23 10.99 -23.01
CA ILE E 60 -6.60 11.94 -23.91
C ILE E 60 -6.29 13.12 -23.01
N LEU E 61 -4.99 13.39 -22.83
CA LEU E 61 -4.45 14.46 -22.00
C LEU E 61 -3.82 15.50 -22.88
N THR E 62 -3.89 16.77 -22.46
CA THR E 62 -3.23 17.86 -23.19
C THR E 62 -1.72 17.71 -22.93
N ARG E 63 -0.92 17.95 -23.96
CA ARG E 63 0.53 17.87 -23.86
C ARG E 63 1.17 19.26 -23.86
N LYS E 64 0.40 20.31 -24.23
CA LYS E 64 0.90 21.68 -24.19
C LYS E 64 0.00 22.59 -23.34
N ASN E 65 0.56 23.73 -22.94
CA ASN E 65 -0.14 24.76 -22.17
C ASN E 65 -0.63 25.80 -23.19
N GLY E 66 -1.94 25.84 -23.39
CA GLY E 66 -2.59 26.77 -24.30
C GLY E 66 -2.69 26.30 -25.74
N TYR E 67 -3.89 26.49 -26.31
CA TYR E 67 -4.26 26.13 -27.68
C TYR E 67 -4.87 27.35 -28.33
N ASN E 68 -4.45 27.68 -29.54
CA ASN E 68 -4.95 28.86 -30.22
C ASN E 68 -5.83 28.47 -31.42
N ARG E 69 -7.16 28.74 -31.32
CA ARG E 69 -8.17 28.44 -32.34
C ARG E 69 -7.73 28.97 -33.72
N HIS E 70 -6.92 30.03 -33.74
CA HIS E 70 -6.46 30.66 -34.96
C HIS E 70 -5.29 29.88 -35.57
N GLU E 71 -4.26 29.51 -34.76
CA GLU E 71 -3.10 28.68 -35.19
C GLU E 71 -3.56 27.32 -35.77
N MET E 72 -4.39 26.56 -35.02
CA MET E 72 -4.99 25.27 -35.38
C MET E 72 -6.27 25.09 -34.57
N SER E 73 -7.39 25.02 -35.28
CA SER E 73 -8.72 24.92 -34.70
C SER E 73 -9.16 23.49 -34.46
N THR E 74 -8.65 22.55 -35.29
CA THR E 74 -9.00 21.13 -35.18
C THR E 74 -7.78 20.21 -35.25
N TYR E 75 -7.81 19.16 -34.42
CA TYR E 75 -6.79 18.12 -34.35
C TYR E 75 -7.47 16.82 -34.72
N LEU E 76 -6.79 16.00 -35.56
CA LEU E 76 -7.25 14.67 -35.96
C LEU E 76 -6.26 13.68 -35.34
N LEU E 77 -6.65 13.04 -34.22
CA LEU E 77 -5.79 12.07 -33.51
C LEU E 77 -6.05 10.65 -33.99
N PRO E 78 -5.12 10.00 -34.75
CA PRO E 78 -5.35 8.60 -35.15
C PRO E 78 -4.97 7.65 -34.00
N VAL E 79 -5.97 7.01 -33.39
CA VAL E 79 -5.79 6.13 -32.22
C VAL E 79 -5.85 4.67 -32.61
N VAL E 80 -4.79 3.94 -32.30
CA VAL E 80 -4.64 2.53 -32.60
C VAL E 80 -5.06 1.66 -31.42
N ILE E 81 -5.92 0.69 -31.69
CA ILE E 81 -6.25 -0.29 -30.66
C ILE E 81 -5.67 -1.57 -31.16
N SER E 82 -4.97 -2.25 -30.29
CA SER E 82 -4.30 -3.44 -30.71
C SER E 82 -4.59 -4.61 -29.78
N ASP E 83 -4.64 -5.81 -30.38
CA ASP E 83 -4.78 -7.03 -29.59
C ASP E 83 -3.37 -7.34 -29.02
N ASN E 84 -3.26 -8.40 -28.24
CA ASN E 84 -1.98 -8.73 -27.59
C ASN E 84 -1.46 -10.09 -28.00
N ASP E 85 -1.63 -10.47 -29.29
CA ASP E 85 -1.28 -11.79 -29.80
C ASP E 85 -0.23 -11.78 -30.92
N TYR E 86 0.23 -12.98 -31.31
CA TYR E 86 1.25 -13.19 -32.35
C TYR E 86 0.69 -13.98 -33.54
N PRO E 87 0.53 -13.38 -34.74
CA PRO E 87 0.82 -11.98 -35.10
C PRO E 87 -0.23 -11.03 -34.54
N VAL E 88 0.20 -9.82 -34.21
CA VAL E 88 -0.65 -8.76 -33.65
C VAL E 88 -1.59 -8.17 -34.71
N GLN E 89 -2.82 -7.85 -34.30
CA GLN E 89 -3.84 -7.26 -35.17
C GLN E 89 -4.29 -5.94 -34.52
N SER E 90 -4.41 -4.89 -35.33
CA SER E 90 -4.79 -3.55 -34.86
C SER E 90 -5.94 -2.95 -35.66
N SER E 91 -6.58 -1.91 -35.08
CA SER E 91 -7.65 -1.12 -35.69
C SER E 91 -7.34 0.34 -35.39
N THR E 92 -7.79 1.27 -36.26
CA THR E 92 -7.54 2.70 -36.09
C THR E 92 -8.84 3.50 -36.12
N GLY E 93 -9.00 4.37 -35.14
CA GLY E 93 -10.15 5.26 -34.99
C GLY E 93 -9.65 6.68 -34.89
N THR E 94 -10.14 7.56 -35.76
CA THR E 94 -9.69 8.95 -35.74
C THR E 94 -10.56 9.77 -34.83
N VAL E 95 -9.93 10.41 -33.85
CA VAL E 95 -10.63 11.29 -32.91
C VAL E 95 -10.47 12.73 -33.39
N THR E 96 -11.59 13.46 -33.47
CA THR E 96 -11.58 14.89 -33.83
C THR E 96 -11.62 15.69 -32.53
N VAL E 97 -10.59 16.53 -32.31
CA VAL E 97 -10.51 17.40 -31.13
C VAL E 97 -10.63 18.85 -31.62
N ARG E 98 -11.58 19.60 -31.09
CA ARG E 98 -11.76 20.99 -31.51
C ARG E 98 -11.29 21.96 -30.45
N VAL E 99 -10.71 23.08 -30.87
CA VAL E 99 -10.24 24.14 -29.97
C VAL E 99 -11.40 25.14 -29.78
N CYS E 100 -11.78 25.38 -28.51
CA CYS E 100 -12.86 26.28 -28.13
C CYS E 100 -12.39 27.28 -27.10
N ALA E 101 -12.98 28.50 -27.13
CA ALA E 101 -12.75 29.50 -26.09
C ALA E 101 -13.68 29.04 -24.96
N CYS E 102 -13.22 29.09 -23.70
CA CYS E 102 -14.04 28.60 -22.59
C CYS E 102 -14.21 29.63 -21.48
N PRO E 119 -16.73 7.25 -22.83
CA PRO E 119 -17.79 7.73 -23.72
C PRO E 119 -17.49 7.56 -25.21
N LEU E 120 -16.32 8.00 -25.70
CA LEU E 120 -15.95 7.88 -27.11
C LEU E 120 -15.52 6.44 -27.42
N GLU E 121 -16.30 5.73 -28.25
CA GLU E 121 -16.06 4.33 -28.64
C GLU E 121 -15.10 4.19 -29.83
N VAL E 122 -14.08 3.32 -29.70
CA VAL E 122 -13.09 2.96 -30.74
C VAL E 122 -13.34 1.47 -30.98
N LEU E 123 -13.78 1.10 -32.19
CA LEU E 123 -14.12 -0.31 -32.49
C LEU E 123 -12.96 -1.12 -33.03
N PHE E 124 -12.91 -2.37 -32.54
CA PHE E 124 -11.94 -3.37 -32.98
C PHE E 124 -12.61 -4.29 -33.98
N GLN E 125 -11.95 -4.46 -35.14
CA GLN E 125 -12.40 -5.30 -36.25
C GLN E 125 -11.26 -6.19 -36.74
N TYR F 3 -45.25 16.84 -9.93
CA TYR F 3 -46.47 17.54 -10.31
C TYR F 3 -46.35 19.10 -10.11
N GLU F 4 -47.07 19.73 -9.13
CA GLU F 4 -47.11 21.20 -8.92
C GLU F 4 -46.99 21.69 -7.45
N THR F 5 -46.12 22.72 -7.20
CA THR F 5 -45.87 23.36 -5.90
C THR F 5 -45.28 24.79 -6.05
N PHE F 6 -45.12 25.53 -4.93
CA PHE F 6 -44.58 26.90 -4.99
C PHE F 6 -43.55 27.22 -3.90
N VAL F 7 -42.75 28.28 -4.16
CA VAL F 7 -41.77 28.88 -3.25
C VAL F 7 -42.03 30.39 -3.18
N CYS F 8 -41.90 30.97 -1.99
CA CYS F 8 -42.06 32.40 -1.79
C CYS F 8 -40.81 33.14 -2.24
N GLU F 9 -40.96 34.43 -2.56
CA GLU F 9 -39.85 35.26 -3.04
C GLU F 9 -38.84 35.51 -1.93
N LYS F 10 -39.32 35.82 -0.72
CA LYS F 10 -38.47 36.12 0.44
C LYS F 10 -38.09 34.88 1.26
N ALA F 11 -38.28 33.67 0.67
CA ALA F 11 -37.95 32.39 1.28
C ALA F 11 -36.45 32.30 1.52
N LYS F 12 -36.06 31.89 2.74
CA LYS F 12 -34.67 31.72 3.13
C LYS F 12 -34.25 30.26 2.83
N ALA F 13 -32.94 29.94 2.92
CA ALA F 13 -32.40 28.59 2.65
C ALA F 13 -32.89 27.58 3.70
N ASP F 14 -32.83 26.26 3.35
CA ASP F 14 -33.22 25.15 4.24
C ASP F 14 -34.69 25.26 4.73
N GLN F 15 -35.56 25.72 3.84
CA GLN F 15 -36.98 25.84 4.13
C GLN F 15 -37.71 24.73 3.37
N LEU F 16 -38.55 23.95 4.07
CA LEU F 16 -39.33 22.88 3.44
C LEU F 16 -40.46 23.54 2.65
N ILE F 17 -40.60 23.20 1.36
CA ILE F 17 -41.68 23.78 0.51
C ILE F 17 -42.72 22.73 0.10
N GLN F 18 -42.32 21.45 -0.01
CA GLN F 18 -43.19 20.36 -0.42
C GLN F 18 -42.61 19.04 0.00
N THR F 19 -43.50 18.05 0.19
CA THR F 19 -43.20 16.66 0.51
C THR F 19 -43.67 15.80 -0.65
N LEU F 20 -42.81 14.93 -1.08
CA LEU F 20 -43.10 14.04 -2.20
C LEU F 20 -43.35 12.67 -1.65
N HIS F 21 -44.24 11.96 -2.31
CA HIS F 21 -44.60 10.60 -1.97
C HIS F 21 -44.40 9.64 -3.18
N ALA F 22 -43.52 8.63 -3.03
CA ALA F 22 -43.21 7.65 -4.07
C ALA F 22 -44.25 6.56 -3.96
N VAL F 23 -45.01 6.38 -5.08
CA VAL F 23 -46.14 5.48 -5.17
C VAL F 23 -45.94 4.46 -6.27
N ASP F 24 -46.36 3.24 -6.02
CA ASP F 24 -46.37 2.16 -6.99
C ASP F 24 -47.79 1.55 -6.93
N LYS F 25 -48.64 1.81 -7.93
CA LYS F 25 -49.98 1.26 -8.05
C LYS F 25 -49.95 -0.27 -8.27
N ASP F 26 -48.80 -0.75 -8.74
CA ASP F 26 -48.46 -2.15 -9.01
C ASP F 26 -47.98 -2.89 -7.73
N ASP F 27 -47.90 -2.17 -6.57
CA ASP F 27 -47.52 -2.76 -5.28
C ASP F 27 -48.67 -2.54 -4.26
N PRO F 28 -49.74 -3.37 -4.34
CA PRO F 28 -50.91 -3.17 -3.44
C PRO F 28 -50.67 -3.39 -1.94
N TYR F 29 -49.64 -4.14 -1.57
CA TYR F 29 -49.28 -4.46 -0.18
C TYR F 29 -48.14 -3.61 0.41
N SER F 30 -47.70 -2.52 -0.29
CA SER F 30 -46.67 -1.57 0.17
C SER F 30 -45.38 -2.24 0.65
N GLY F 31 -44.87 -3.16 -0.14
CA GLY F 31 -43.68 -3.92 0.17
C GLY F 31 -42.38 -3.31 -0.34
N HIS F 32 -42.47 -2.28 -1.18
CA HIS F 32 -41.27 -1.67 -1.75
C HIS F 32 -40.90 -0.32 -1.17
N GLN F 33 -39.59 -0.14 -0.91
CA GLN F 33 -38.96 1.08 -0.45
C GLN F 33 -38.30 1.69 -1.67
N PHE F 34 -38.52 2.99 -1.86
CA PHE F 34 -37.93 3.72 -2.97
C PHE F 34 -36.87 4.69 -2.48
N SER F 35 -35.90 4.92 -3.33
CA SER F 35 -34.77 5.84 -3.12
C SER F 35 -35.09 7.07 -3.95
N PHE F 36 -34.89 8.29 -3.42
CA PHE F 36 -35.13 9.57 -4.13
C PHE F 36 -33.80 10.22 -4.52
N SER F 37 -33.82 11.06 -5.55
CA SER F 37 -32.69 11.84 -6.02
C SER F 37 -33.14 12.78 -7.12
N LEU F 38 -32.31 13.77 -7.45
CA LEU F 38 -32.50 14.67 -8.59
C LEU F 38 -31.83 13.96 -9.76
N ALA F 39 -32.48 14.03 -10.93
CA ALA F 39 -31.98 13.46 -12.18
C ALA F 39 -30.60 14.01 -12.50
N PRO F 40 -29.74 13.21 -13.22
CA PRO F 40 -28.35 13.66 -13.50
C PRO F 40 -28.21 15.10 -13.95
N GLU F 41 -29.10 15.57 -14.85
CA GLU F 41 -29.09 16.93 -15.40
C GLU F 41 -29.33 18.03 -14.35
N ALA F 42 -29.96 17.71 -13.19
CA ALA F 42 -30.27 18.67 -12.14
C ALA F 42 -29.55 18.41 -10.80
N ALA F 43 -28.81 17.27 -10.68
CA ALA F 43 -28.12 16.84 -9.46
C ALA F 43 -27.09 17.87 -8.88
N SER F 44 -26.46 18.69 -9.72
CA SER F 44 -25.57 19.74 -9.22
C SER F 44 -26.10 21.15 -9.51
N GLY F 45 -25.82 22.07 -8.58
CA GLY F 45 -26.17 23.49 -8.67
C GLY F 45 -27.64 23.84 -8.73
N SER F 46 -28.48 23.07 -8.02
CA SER F 46 -29.91 23.41 -8.00
C SER F 46 -30.15 24.51 -6.97
N ASN F 47 -31.37 25.06 -6.99
CA ASN F 47 -31.81 26.08 -6.04
C ASN F 47 -32.69 25.38 -5.02
N PHE F 48 -32.78 24.06 -5.13
CA PHE F 48 -33.53 23.20 -4.23
C PHE F 48 -32.73 21.96 -3.85
N THR F 49 -33.00 21.43 -2.67
CA THR F 49 -32.37 20.24 -2.11
C THR F 49 -33.45 19.20 -1.88
N ILE F 50 -33.17 17.96 -2.24
CA ILE F 50 -34.05 16.82 -1.97
C ILE F 50 -33.49 16.16 -0.70
N GLN F 51 -34.34 15.89 0.26
CA GLN F 51 -33.99 15.17 1.47
C GLN F 51 -34.84 13.90 1.46
N ASP F 52 -34.21 12.74 1.26
CA ASP F 52 -34.93 11.45 1.30
C ASP F 52 -35.22 11.10 2.77
N ASN F 53 -36.51 11.04 3.16
CA ASN F 53 -36.92 10.69 4.54
C ASN F 53 -36.84 9.20 4.82
N LYS F 54 -36.53 8.39 3.77
CA LYS F 54 -36.29 6.94 3.87
C LYS F 54 -37.54 6.12 4.20
N ASP F 55 -38.72 6.68 3.96
CA ASP F 55 -40.04 6.05 4.21
C ASP F 55 -40.96 6.25 3.00
N ASN F 56 -40.39 6.46 1.78
CA ASN F 56 -41.12 6.72 0.52
C ASN F 56 -41.59 8.16 0.41
N THR F 57 -41.09 9.04 1.30
CA THR F 57 -41.35 10.48 1.26
C THR F 57 -40.01 11.20 1.19
N ALA F 58 -40.00 12.36 0.56
CA ALA F 58 -38.80 13.17 0.47
C ALA F 58 -39.23 14.62 0.54
N GLY F 59 -38.44 15.44 1.20
CA GLY F 59 -38.75 16.86 1.26
C GLY F 59 -38.03 17.66 0.18
N ILE F 60 -38.68 18.73 -0.32
CA ILE F 60 -38.08 19.69 -1.25
C ILE F 60 -37.78 20.89 -0.37
N LEU F 61 -36.48 21.19 -0.20
CA LEU F 61 -35.98 22.27 0.61
C LEU F 61 -35.38 23.32 -0.30
N THR F 62 -35.47 24.60 0.08
CA THR F 62 -34.83 25.69 -0.67
C THR F 62 -33.32 25.57 -0.41
N ARG F 63 -32.52 25.82 -1.43
CA ARG F 63 -31.07 25.76 -1.34
C ARG F 63 -30.46 27.18 -1.36
N LYS F 64 -31.26 28.19 -1.75
CA LYS F 64 -30.80 29.57 -1.76
C LYS F 64 -31.71 30.49 -0.93
N ASN F 65 -31.17 31.65 -0.56
CA ASN F 65 -31.89 32.67 0.19
C ASN F 65 -32.39 33.68 -0.85
N GLY F 66 -33.72 33.69 -1.05
CA GLY F 66 -34.39 34.59 -1.97
C GLY F 66 -34.50 34.08 -3.39
N TYR F 67 -35.71 34.23 -3.97
CA TYR F 67 -36.08 33.83 -5.34
C TYR F 67 -36.74 35.02 -6.01
N ASN F 68 -36.33 35.32 -7.24
CA ASN F 68 -36.88 36.47 -7.96
C ASN F 68 -37.71 35.98 -9.16
N ARG F 69 -39.06 36.18 -9.11
CA ARG F 69 -40.04 35.80 -10.15
C ARG F 69 -39.62 36.29 -11.54
N HIS F 70 -39.02 37.49 -11.61
CA HIS F 70 -38.57 38.08 -12.88
C HIS F 70 -37.33 37.40 -13.43
N GLU F 71 -36.42 36.98 -12.54
CA GLU F 71 -35.18 36.27 -12.87
C GLU F 71 -35.47 34.85 -13.36
N MET F 72 -36.36 34.13 -12.65
CA MET F 72 -36.83 32.78 -12.97
C MET F 72 -38.12 32.55 -12.19
N SER F 73 -39.24 32.49 -12.91
CA SER F 73 -40.59 32.36 -12.33
C SER F 73 -40.97 30.94 -12.01
N THR F 74 -40.39 30.00 -12.76
CA THR F 74 -40.72 28.58 -12.66
C THR F 74 -39.44 27.70 -12.70
N TYR F 75 -39.51 26.51 -12.04
CA TYR F 75 -38.45 25.52 -11.99
C TYR F 75 -39.06 24.20 -12.30
N LEU F 76 -38.34 23.40 -13.06
CA LEU F 76 -38.77 22.07 -13.39
C LEU F 76 -37.74 21.15 -12.73
N LEU F 77 -38.12 20.53 -11.59
CA LEU F 77 -37.23 19.61 -10.86
C LEU F 77 -37.44 18.17 -11.30
N PRO F 78 -36.49 17.54 -12.04
CA PRO F 78 -36.70 16.12 -12.41
C PRO F 78 -36.29 15.22 -11.24
N VAL F 79 -37.27 14.55 -10.62
CA VAL F 79 -37.08 13.71 -9.43
C VAL F 79 -37.09 12.23 -9.78
N VAL F 80 -35.99 11.56 -9.46
CA VAL F 80 -35.83 10.14 -9.72
C VAL F 80 -36.22 9.30 -8.53
N ILE F 81 -37.04 8.30 -8.77
CA ILE F 81 -37.37 7.31 -7.76
C ILE F 81 -36.88 5.96 -8.30
N SER F 82 -36.11 5.27 -7.47
CA SER F 82 -35.50 4.02 -7.86
C SER F 82 -35.74 2.88 -6.85
N ASP F 83 -35.64 1.65 -7.36
CA ASP F 83 -35.74 0.47 -6.53
C ASP F 83 -34.34 0.21 -5.98
N ASN F 84 -34.20 -0.75 -5.12
CA ASN F 84 -32.92 -0.97 -4.47
C ASN F 84 -32.35 -2.33 -4.83
N ASP F 85 -32.51 -2.75 -6.12
CA ASP F 85 -32.09 -4.07 -6.60
C ASP F 85 -31.05 -4.01 -7.72
N TYR F 86 -30.52 -5.20 -8.09
CA TYR F 86 -29.49 -5.36 -9.12
C TYR F 86 -30.00 -6.17 -10.33
N PRO F 87 -30.18 -5.58 -11.54
CA PRO F 87 -29.97 -4.17 -11.94
C PRO F 87 -31.09 -3.28 -11.44
N VAL F 88 -30.73 -2.07 -11.08
CA VAL F 88 -31.60 -1.04 -10.59
C VAL F 88 -32.58 -0.55 -11.68
N GLN F 89 -33.80 -0.24 -11.26
CA GLN F 89 -34.90 0.23 -12.10
C GLN F 89 -35.39 1.54 -11.50
N SER F 90 -35.71 2.50 -12.36
CA SER F 90 -36.13 3.81 -11.90
C SER F 90 -37.15 4.49 -12.81
N SER F 91 -37.86 5.49 -12.25
CA SER F 91 -38.81 6.34 -12.97
C SER F 91 -38.44 7.75 -12.60
N THR F 92 -38.87 8.72 -13.44
CA THR F 92 -38.64 10.13 -13.23
C THR F 92 -39.99 10.90 -13.31
N GLY F 93 -40.20 11.77 -12.33
CA GLY F 93 -41.37 12.63 -12.21
C GLY F 93 -40.92 14.06 -12.14
N THR F 94 -41.42 14.91 -13.03
CA THR F 94 -41.02 16.32 -13.03
C THR F 94 -41.91 17.13 -12.12
N VAL F 95 -41.31 17.81 -11.16
CA VAL F 95 -42.04 18.68 -10.25
C VAL F 95 -41.91 20.13 -10.75
N THR F 96 -43.04 20.83 -10.83
CA THR F 96 -43.08 22.24 -11.21
C THR F 96 -43.12 23.08 -9.93
N VAL F 97 -42.10 23.94 -9.75
CA VAL F 97 -42.06 24.84 -8.60
C VAL F 97 -42.27 26.26 -9.12
N ARG F 98 -43.23 27.00 -8.57
CA ARG F 98 -43.46 28.39 -9.01
C ARG F 98 -43.02 29.39 -7.97
N VAL F 99 -42.47 30.52 -8.42
CA VAL F 99 -42.03 31.61 -7.56
C VAL F 99 -43.21 32.59 -7.38
N CYS F 100 -43.59 32.85 -6.12
CA CYS F 100 -44.69 33.73 -5.75
C CYS F 100 -44.26 34.75 -4.74
N ALA F 101 -44.87 35.94 -4.80
CA ALA F 101 -44.67 36.99 -3.79
C ALA F 101 -45.57 36.53 -2.65
N CYS F 102 -45.12 36.64 -1.39
CA CYS F 102 -45.91 36.17 -0.25
C CYS F 102 -46.06 37.26 0.82
N PRO F 119 -48.01 14.73 0.14
CA PRO F 119 -49.09 15.18 -0.75
C PRO F 119 -48.81 15.02 -2.24
N LEU F 120 -47.65 15.46 -2.72
CA LEU F 120 -47.32 15.38 -4.15
C LEU F 120 -46.81 13.98 -4.52
N GLU F 121 -47.61 13.25 -5.32
CA GLU F 121 -47.33 11.87 -5.72
C GLU F 121 -46.37 11.77 -6.90
N VAL F 122 -45.33 10.92 -6.78
CA VAL F 122 -44.36 10.59 -7.84
C VAL F 122 -44.57 9.09 -8.08
N LEU F 123 -45.02 8.72 -9.30
CA LEU F 123 -45.34 7.32 -9.60
C LEU F 123 -44.17 6.53 -10.18
N PHE F 124 -44.07 5.27 -9.70
CA PHE F 124 -43.08 4.29 -10.13
C PHE F 124 -43.73 3.36 -11.16
N GLN F 125 -43.08 3.26 -12.33
CA GLN F 125 -43.53 2.44 -13.46
C GLN F 125 -42.39 1.59 -14.06
#